data_9H6K
#
_entry.id   9H6K
#
_cell.length_a   60.1
_cell.length_b   134.922
_cell.length_c   86.584
_cell.angle_alpha   90
_cell.angle_beta   95.907
_cell.angle_gamma   90
#
_symmetry.space_group_name_H-M   'P 1 21 1'
#
loop_
_entity.id
_entity.type
_entity.pdbx_description
1 polymer 'Beta-1,4 N-acetylgalactosaminyltransferase 1'
2 branched 2-acetamido-2-deoxy-beta-D-glucopyranose-(1-4)-2-acetamido-2-deoxy-beta-D-glucopyranose
3 non-polymer 2-acetamido-2-deoxy-beta-D-glucopyranose
4 non-polymer 'MANGANESE (II) ION'
5 non-polymer URIDINE-DIPHOSPHATE-N-ACETYLGALACTOSAMINE
6 non-polymer 'ACETIC ACID'
7 water water
#
_entity_poly.entity_id   1
_entity_poly.type   'polypeptide(L)'
_entity_poly.pdbx_seq_one_letter_code
;HHHHHHHHHHGTRRPELPDLAPEPRYAHIPVRIKEQVVGLLAWNNCSCESSGGGLPLPFQKQVRAIDLTKAFDPAELRAA
SATREQEFQAFLSRSQSPADQLLIAPANSPLQYPLQGVEVQPLRSILVPGLSLQAASGQEVYQVNLTASLGTWDVAGEVT
GVTLTGEGQADLTLVSPGLDQLNRQLQLVTYSSRSYQTNTADTVRFSTEGHEAAFTIRIRHPPNPRLYPPGSLPQGAQYN
ISALVTIATKTFLRYDRLRALITSIRRFYPTVTVVIADDSDKPERVSGPYVEHYLMPFGKGWFAGRNLAVSQVTTKYVLW
VDDDFVFTARTRLERLVDVLERTPLDLVGGAVREISGFATTYRQLLSVEPGAPGLGNCLRQRRGFHHELVGFPGCVVTDG
VVNFFLARTDKVREVGFDPRLSRVAHLEFFLDGLGSLRVGSCSDVVVDHASKLKLPWTSRDAGAETYARYRYPGSLDESQ
MAKHRLLFFKHRLQCMTSQ
;
_entity_poly.pdbx_strand_id   A,B
#
loop_
_chem_comp.id
_chem_comp.type
_chem_comp.name
_chem_comp.formula
ACY non-polymer 'ACETIC ACID' 'C2 H4 O2'
MN non-polymer 'MANGANESE (II) ION' 'Mn 2'
NAG D-saccharide, beta linking 2-acetamido-2-deoxy-beta-D-glucopyranose 'C8 H15 N O6'
UD2 non-polymer URIDINE-DIPHOSPHATE-N-ACETYLGALACTOSAMINE 'C17 H27 N3 O17 P2'
#
# COMPACT_ATOMS: atom_id res chain seq x y z
N LEU A 17 -9.82 20.52 -14.63
CA LEU A 17 -9.79 21.89 -15.23
C LEU A 17 -9.13 22.86 -14.25
N PRO A 18 -7.85 23.24 -14.49
CA PRO A 18 -7.26 24.38 -13.79
C PRO A 18 -7.90 25.67 -14.25
N ASP A 19 -8.22 26.55 -13.30
CA ASP A 19 -8.85 27.83 -13.61
C ASP A 19 -7.76 28.82 -13.99
N LEU A 20 -7.86 29.30 -15.24
CA LEU A 20 -6.86 30.21 -15.78
C LEU A 20 -7.42 31.63 -15.70
N ALA A 21 -8.74 31.76 -15.80
CA ALA A 21 -9.40 33.05 -16.02
C ALA A 21 -9.18 33.97 -14.82
N PRO A 22 -8.84 35.26 -15.05
CA PRO A 22 -8.60 36.20 -13.97
C PRO A 22 -9.84 36.50 -13.13
N GLU A 23 -9.67 36.48 -11.81
CA GLU A 23 -10.73 36.82 -10.87
C GLU A 23 -10.99 38.31 -10.97
N PRO A 24 -12.22 38.78 -10.62
CA PRO A 24 -12.57 40.19 -10.80
C PRO A 24 -11.62 41.17 -10.09
N ARG A 25 -10.98 40.72 -9.00
CA ARG A 25 -10.00 41.46 -8.23
C ARG A 25 -8.80 41.89 -9.10
N TYR A 26 -8.49 41.13 -10.14
CA TYR A 26 -7.29 41.33 -10.96
C TYR A 26 -7.64 41.39 -12.45
N ALA A 27 -8.95 41.46 -12.79
CA ALA A 27 -9.42 41.47 -14.17
C ALA A 27 -8.87 42.66 -14.96
N HIS A 28 -8.38 43.69 -14.26
CA HIS A 28 -7.79 44.86 -14.88
C HIS A 28 -6.38 44.61 -15.40
N ILE A 29 -5.74 43.51 -14.97
CA ILE A 29 -4.36 43.17 -15.30
C ILE A 29 -4.27 42.38 -16.60
N PRO A 30 -3.44 42.83 -17.58
CA PRO A 30 -3.18 42.06 -18.79
C PRO A 30 -2.17 40.93 -18.61
N VAL A 31 -2.52 39.78 -19.19
CA VAL A 31 -1.71 38.57 -19.21
C VAL A 31 -1.64 38.07 -20.65
N ARG A 32 -0.43 37.76 -21.13
CA ARG A 32 -0.26 37.06 -22.39
C ARG A 32 0.04 35.60 -22.08
N ILE A 33 -0.87 34.72 -22.52
CA ILE A 33 -0.79 33.28 -22.34
C ILE A 33 0.53 32.76 -22.92
N LYS A 34 1.16 31.81 -22.20
CA LYS A 34 2.24 31.02 -22.75
C LYS A 34 1.66 29.73 -23.32
N GLU A 35 1.51 29.70 -24.66
CA GLU A 35 0.94 28.58 -25.38
C GLU A 35 1.66 27.29 -24.98
N GLN A 36 2.98 27.40 -24.80
CA GLN A 36 3.89 26.30 -24.55
C GLN A 36 3.62 25.66 -23.17
N VAL A 37 3.41 26.49 -22.14
CA VAL A 37 3.26 26.04 -20.76
C VAL A 37 1.83 25.55 -20.50
N VAL A 38 0.82 26.24 -21.05
CA VAL A 38 -0.57 25.85 -20.91
C VAL A 38 -0.80 24.44 -21.48
N GLY A 39 0.01 24.06 -22.49
CA GLY A 39 -0.03 22.75 -23.12
C GLY A 39 0.47 21.64 -22.20
N LEU A 40 1.25 22.01 -21.16
CA LEU A 40 1.77 21.04 -20.19
C LEU A 40 0.70 20.59 -19.20
N LEU A 41 -0.35 21.40 -19.02
CA LEU A 41 -1.35 21.13 -17.99
C LEU A 41 -2.34 20.06 -18.44
N ALA A 42 -2.97 19.38 -17.48
CA ALA A 42 -4.01 18.40 -17.74
C ALA A 42 -5.34 19.12 -18.00
N TRP A 43 -5.86 18.91 -19.21
CA TRP A 43 -7.11 19.55 -19.60
C TRP A 43 -8.28 18.54 -19.59
N ASN A 44 -8.02 17.33 -19.08
CA ASN A 44 -9.01 16.29 -18.86
C ASN A 44 -9.82 16.06 -20.12
N ASN A 45 -9.09 15.98 -21.26
CA ASN A 45 -9.71 15.84 -22.55
C ASN A 45 -8.89 14.93 -23.47
N CYS A 46 -8.12 14.01 -22.89
CA CYS A 46 -7.33 13.06 -23.66
C CYS A 46 -8.19 12.23 -24.61
N SER A 47 -7.56 11.84 -25.74
CA SER A 47 -8.10 10.92 -26.73
C SER A 47 -6.95 10.06 -27.25
N CYS A 48 -7.27 8.98 -27.98
CA CYS A 48 -6.23 8.11 -28.51
C CYS A 48 -6.31 8.11 -30.03
N GLU A 49 -5.24 8.56 -30.69
CA GLU A 49 -5.22 8.64 -32.15
C GLU A 49 -4.05 7.85 -32.72
N SER A 50 -4.34 7.06 -33.77
CA SER A 50 -3.31 6.32 -34.50
C SER A 50 -2.47 7.26 -35.38
N SER A 51 -1.17 6.94 -35.54
CA SER A 51 -0.35 7.47 -36.61
C SER A 51 -1.07 7.30 -37.94
N GLY A 52 -0.75 8.20 -38.87
CA GLY A 52 -1.19 8.11 -40.24
C GLY A 52 -0.94 6.72 -40.82
N GLY A 53 -1.82 6.28 -41.72
CA GLY A 53 -1.60 4.95 -42.26
C GLY A 53 -0.54 5.00 -43.36
N GLY A 54 -0.22 3.83 -43.90
CA GLY A 54 0.64 3.81 -45.08
C GLY A 54 2.00 3.27 -44.65
N LEU A 55 2.97 3.44 -45.57
CA LEU A 55 4.33 3.00 -45.32
C LEU A 55 4.96 3.88 -44.25
N PRO A 56 5.71 3.31 -43.28
CA PRO A 56 6.30 4.09 -42.21
C PRO A 56 7.52 4.90 -42.64
N LEU A 57 7.90 5.87 -41.81
CA LEU A 57 9.00 6.78 -42.08
C LEU A 57 10.13 6.57 -41.06
N PRO A 58 11.41 6.69 -41.50
CA PRO A 58 12.58 6.29 -40.73
C PRO A 58 12.65 6.71 -39.26
N PHE A 59 12.21 7.93 -38.92
CA PHE A 59 12.41 8.38 -37.54
C PHE A 59 11.10 8.52 -36.76
N GLN A 60 10.01 7.99 -37.31
CA GLN A 60 8.65 8.02 -36.78
C GLN A 60 8.34 6.64 -36.23
N LYS A 61 7.77 6.56 -35.03
CA LYS A 61 7.26 5.28 -34.55
C LYS A 61 5.75 5.25 -34.77
N GLN A 62 5.23 4.15 -35.32
CA GLN A 62 3.81 4.01 -35.58
C GLN A 62 3.08 3.83 -34.25
N VAL A 63 2.16 4.76 -33.95
CA VAL A 63 1.28 4.70 -32.80
C VAL A 63 -0.05 4.10 -33.24
N ARG A 64 -0.55 3.13 -32.46
CA ARG A 64 -1.85 2.61 -32.79
C ARG A 64 -2.78 2.72 -31.59
N ALA A 65 -4.02 3.09 -31.91
CA ALA A 65 -5.04 3.32 -30.89
C ALA A 65 -5.96 2.13 -30.74
N ILE A 66 -6.30 1.80 -29.50
CA ILE A 66 -7.37 0.88 -29.18
C ILE A 66 -8.44 1.63 -28.40
N ASP A 67 -9.65 1.64 -28.96
CA ASP A 67 -10.81 2.21 -28.30
C ASP A 67 -11.50 1.11 -27.48
N LEU A 68 -11.34 1.18 -26.16
CA LEU A 68 -11.88 0.18 -25.24
C LEU A 68 -13.41 0.28 -25.18
N THR A 69 -13.99 1.44 -25.52
CA THR A 69 -15.45 1.54 -25.51
C THR A 69 -16.08 0.61 -26.55
N LYS A 70 -15.34 0.29 -27.62
CA LYS A 70 -15.83 -0.57 -28.69
C LYS A 70 -15.84 -2.04 -28.27
N ALA A 71 -15.33 -2.37 -27.07
CA ALA A 71 -15.42 -3.72 -26.53
C ALA A 71 -16.80 -4.01 -25.95
N PHE A 72 -17.72 -3.03 -25.98
CA PHE A 72 -19.07 -3.14 -25.45
C PHE A 72 -20.11 -2.81 -26.52
N ASP A 73 -21.21 -3.59 -26.50
CA ASP A 73 -22.48 -3.23 -27.12
C ASP A 73 -22.90 -1.85 -26.62
N PRO A 74 -23.31 -0.89 -27.50
CA PRO A 74 -23.58 0.48 -27.07
C PRO A 74 -24.63 0.65 -25.96
N ALA A 75 -25.50 -0.37 -25.80
CA ALA A 75 -26.47 -0.42 -24.71
C ALA A 75 -25.77 -0.75 -23.38
N GLU A 76 -24.93 -1.79 -23.45
CA GLU A 76 -24.11 -2.27 -22.36
C GLU A 76 -23.09 -1.20 -21.93
N LEU A 77 -22.51 -0.47 -22.88
CA LEU A 77 -21.53 0.58 -22.62
C LEU A 77 -22.07 1.62 -21.62
N ARG A 78 -23.35 1.97 -21.75
CA ARG A 78 -23.94 3.00 -20.89
C ARG A 78 -24.03 2.48 -19.44
N ALA A 79 -24.49 1.23 -19.28
CA ALA A 79 -24.59 0.58 -17.99
C ALA A 79 -23.20 0.43 -17.33
N ALA A 80 -22.24 -0.07 -18.12
CA ALA A 80 -20.85 -0.21 -17.71
C ALA A 80 -20.26 1.14 -17.24
N SER A 81 -20.47 2.22 -18.00
CA SER A 81 -19.92 3.52 -17.66
C SER A 81 -20.51 4.05 -16.36
N ALA A 82 -21.84 3.87 -16.20
CA ALA A 82 -22.53 4.28 -14.98
C ALA A 82 -22.00 3.51 -13.76
N THR A 83 -22.00 2.16 -13.84
CA THR A 83 -21.58 1.34 -12.71
C THR A 83 -20.09 1.51 -12.40
N ARG A 84 -19.28 1.72 -13.45
CA ARG A 84 -17.87 2.04 -13.27
C ARG A 84 -17.72 3.35 -12.50
N GLU A 85 -18.55 4.35 -12.81
CA GLU A 85 -18.45 5.62 -12.13
C GLU A 85 -18.83 5.46 -10.66
N GLN A 86 -19.93 4.72 -10.42
CA GLN A 86 -20.41 4.42 -9.08
C GLN A 86 -19.33 3.72 -8.25
N GLU A 87 -18.67 2.69 -8.80
CA GLU A 87 -17.61 1.98 -8.11
C GLU A 87 -16.43 2.91 -7.80
N PHE A 88 -16.13 3.84 -8.71
CA PHE A 88 -14.99 4.72 -8.52
C PHE A 88 -15.27 5.73 -7.41
N GLN A 89 -16.49 6.26 -7.36
CA GLN A 89 -16.94 7.16 -6.29
C GLN A 89 -16.84 6.45 -4.94
N ALA A 90 -17.26 5.17 -4.88
CA ALA A 90 -17.11 4.32 -3.71
C ALA A 90 -15.64 4.20 -3.28
N PHE A 91 -14.77 3.87 -4.25
CA PHE A 91 -13.33 3.76 -4.07
C PHE A 91 -12.74 5.04 -3.45
N LEU A 92 -13.08 6.21 -4.03
CA LEU A 92 -12.56 7.49 -3.57
C LEU A 92 -12.91 7.69 -2.11
N SER A 93 -14.19 7.42 -1.77
CA SER A 93 -14.70 7.63 -0.42
C SER A 93 -13.97 6.78 0.62
N ARG A 94 -13.48 5.60 0.23
CA ARG A 94 -12.72 4.73 1.14
C ARG A 94 -11.22 5.07 1.17
N SER A 95 -10.71 5.83 0.18
CA SER A 95 -9.28 6.10 0.05
C SER A 95 -8.91 7.46 0.64
N GLN A 96 -9.77 8.47 0.43
CA GLN A 96 -9.35 9.85 0.60
C GLN A 96 -9.42 10.23 2.06
N SER A 97 -8.52 11.16 2.40
CA SER A 97 -8.23 11.58 3.76
C SER A 97 -8.29 13.10 3.87
N PRO A 98 -8.62 13.66 5.05
CA PRO A 98 -8.44 15.10 5.28
C PRO A 98 -7.01 15.60 5.00
N ALA A 99 -6.04 14.70 4.94
CA ALA A 99 -4.66 15.03 4.62
C ALA A 99 -4.48 15.42 3.15
N ASP A 100 -5.48 15.07 2.33
CA ASP A 100 -5.44 15.29 0.90
C ASP A 100 -6.13 16.59 0.52
N GLN A 101 -6.82 17.24 1.47
CA GLN A 101 -7.45 18.53 1.27
C GLN A 101 -6.39 19.58 1.02
N LEU A 102 -6.74 20.49 0.11
CA LEU A 102 -5.97 21.69 -0.12
C LEU A 102 -6.13 22.62 1.08
N LEU A 103 -5.02 22.84 1.80
CA LEU A 103 -4.94 23.86 2.85
C LEU A 103 -4.01 24.97 2.41
N ILE A 104 -4.43 26.23 2.60
CA ILE A 104 -3.61 27.38 2.25
C ILE A 104 -3.16 28.03 3.55
N ALA A 105 -1.84 28.24 3.71
CA ALA A 105 -1.35 28.89 4.90
C ALA A 105 -1.73 30.36 4.81
N PRO A 106 -2.47 30.94 5.79
CA PRO A 106 -2.76 32.36 5.77
C PRO A 106 -1.50 33.20 5.92
N ALA A 107 -1.47 34.36 5.24
CA ALA A 107 -0.39 35.31 5.46
C ALA A 107 -0.73 36.20 6.66
N ASN A 108 0.31 36.75 7.31
CA ASN A 108 0.16 37.75 8.36
C ASN A 108 -0.76 37.25 9.46
N SER A 109 -0.43 36.08 10.01
CA SER A 109 -0.99 35.54 11.23
C SER A 109 0.10 35.44 12.28
N PRO A 110 -0.17 35.75 13.57
CA PRO A 110 0.78 35.53 14.64
C PRO A 110 0.93 34.05 15.02
N LEU A 111 0.17 33.18 14.33
CA LEU A 111 0.10 31.77 14.64
C LEU A 111 1.25 31.02 13.98
N GLN A 112 2.10 30.39 14.80
CA GLN A 112 3.11 29.43 14.37
C GLN A 112 2.62 28.02 14.74
N TYR A 113 2.66 27.09 13.77
CA TYR A 113 2.04 25.79 13.94
C TYR A 113 2.68 24.77 13.00
N PRO A 114 2.64 23.46 13.33
CA PRO A 114 3.23 22.45 12.46
C PRO A 114 2.41 22.26 11.18
N LEU A 115 3.13 22.24 10.06
CA LEU A 115 2.54 22.34 8.74
C LEU A 115 2.34 20.92 8.20
N GLN A 116 3.32 20.05 8.49
CA GLN A 116 3.26 18.65 8.11
C GLN A 116 4.20 17.89 9.05
N GLY A 117 4.11 16.56 9.03
CA GLY A 117 5.09 15.78 9.77
C GLY A 117 4.62 15.43 11.18
N VAL A 118 3.34 15.66 11.49
CA VAL A 118 2.81 15.38 12.82
C VAL A 118 1.85 14.21 12.69
N GLU A 119 2.15 13.15 13.44
CA GLU A 119 1.52 11.86 13.25
C GLU A 119 1.36 11.15 14.61
N VAL A 120 0.21 10.48 14.80
CA VAL A 120 -0.02 9.74 16.02
C VAL A 120 -0.68 8.40 15.68
N GLN A 121 -0.41 7.38 16.48
CA GLN A 121 -1.09 6.12 16.29
C GLN A 121 -2.52 6.21 16.78
N PRO A 122 -3.45 5.41 16.22
CA PRO A 122 -4.82 5.41 16.74
C PRO A 122 -4.80 5.15 18.24
N LEU A 123 -5.64 5.89 18.97
CA LEU A 123 -5.83 5.76 20.41
C LEU A 123 -4.56 6.04 21.20
N ARG A 124 -3.57 6.71 20.59
CA ARG A 124 -2.34 7.09 21.28
C ARG A 124 -2.24 8.62 21.39
N SER A 125 -1.15 9.09 22.02
CA SER A 125 -0.97 10.49 22.38
C SER A 125 0.44 10.96 22.01
N ILE A 126 0.54 12.24 21.63
CA ILE A 126 1.81 12.90 21.34
C ILE A 126 1.78 14.32 21.91
N LEU A 127 2.97 14.86 22.21
CA LEU A 127 3.17 16.30 22.26
C LEU A 127 3.11 16.85 20.84
N VAL A 128 2.33 17.92 20.63
CA VAL A 128 2.26 18.57 19.34
C VAL A 128 3.44 19.52 19.24
N PRO A 129 4.35 19.35 18.24
CA PRO A 129 5.49 20.25 18.10
C PRO A 129 5.15 21.59 17.46
N GLY A 130 5.85 22.65 17.88
CA GLY A 130 5.96 23.85 17.06
C GLY A 130 4.79 24.84 17.22
N LEU A 131 3.84 24.57 18.12
CA LEU A 131 2.77 25.51 18.38
C LEU A 131 3.31 26.74 19.12
N SER A 132 3.01 27.95 18.66
CA SER A 132 3.30 29.18 19.42
C SER A 132 2.51 30.38 18.87
N LEU A 133 2.37 31.37 19.75
CA LEU A 133 1.81 32.66 19.41
C LEU A 133 2.91 33.72 19.47
N GLN A 134 3.28 34.21 18.28
CA GLN A 134 4.24 35.28 18.14
C GLN A 134 3.46 36.59 18.12
N ALA A 135 3.32 37.24 19.29
CA ALA A 135 2.50 38.43 19.42
C ALA A 135 3.32 39.61 19.95
N ALA A 136 2.61 40.65 20.43
CA ALA A 136 3.17 41.80 21.11
C ALA A 136 3.76 41.41 22.47
N SER A 137 4.90 42.04 22.78
CA SER A 137 5.64 41.99 24.04
C SER A 137 4.78 41.92 25.31
N GLY A 138 3.94 42.94 25.51
CA GLY A 138 3.22 43.04 26.78
C GLY A 138 1.81 43.50 26.49
N GLN A 139 0.82 42.59 26.59
CA GLN A 139 -0.56 42.93 26.31
C GLN A 139 -1.44 42.54 27.49
N GLU A 140 -2.74 42.62 27.28
CA GLU A 140 -3.72 42.51 28.35
C GLU A 140 -3.88 41.05 28.75
N VAL A 141 -4.32 40.25 27.79
CA VAL A 141 -4.38 38.80 27.92
C VAL A 141 -4.22 38.19 26.53
N TYR A 142 -3.49 37.06 26.45
CA TYR A 142 -3.33 36.32 25.22
C TYR A 142 -4.14 35.02 25.31
N GLN A 143 -4.89 34.72 24.24
CA GLN A 143 -5.76 33.55 24.20
C GLN A 143 -5.58 32.85 22.86
N VAL A 144 -5.50 31.51 22.94
CA VAL A 144 -5.38 30.62 21.80
C VAL A 144 -6.36 29.46 21.97
N ASN A 145 -7.03 29.10 20.86
CA ASN A 145 -7.94 27.98 20.78
C ASN A 145 -7.35 26.88 19.90
N LEU A 146 -7.49 25.63 20.36
CA LEU A 146 -7.26 24.44 19.55
C LEU A 146 -8.57 23.66 19.45
N THR A 147 -8.94 23.27 18.22
CA THR A 147 -10.11 22.45 17.93
C THR A 147 -9.70 21.21 17.15
N ALA A 148 -10.24 20.05 17.55
CA ALA A 148 -10.00 18.77 16.90
C ALA A 148 -11.35 18.11 16.60
N SER A 149 -11.34 17.01 15.84
CA SER A 149 -12.58 16.31 15.53
C SER A 149 -12.49 14.80 15.84
N LEU A 150 -11.28 14.24 15.97
CA LEU A 150 -11.06 12.81 16.17
C LEU A 150 -10.16 12.56 17.40
N GLY A 151 -9.88 13.63 18.13
CA GLY A 151 -9.03 13.53 19.32
C GLY A 151 -9.36 14.60 20.37
N THR A 152 -8.53 14.64 21.42
CA THR A 152 -8.73 15.54 22.55
C THR A 152 -7.38 16.11 22.99
N TRP A 153 -7.42 17.37 23.44
CA TRP A 153 -6.23 18.09 23.87
C TRP A 153 -6.03 17.97 25.37
N ASP A 154 -4.78 17.99 25.79
CA ASP A 154 -4.44 18.06 27.20
C ASP A 154 -3.00 18.57 27.30
N VAL A 155 -2.49 18.83 28.51
CA VAL A 155 -1.15 19.37 28.63
C VAL A 155 -0.28 18.46 29.49
N ALA A 156 0.98 18.29 29.08
CA ALA A 156 1.96 17.49 29.81
C ALA A 156 2.36 18.17 31.13
N GLY A 157 2.11 19.47 31.26
CA GLY A 157 2.31 20.17 32.51
C GLY A 157 1.57 21.50 32.49
N GLU A 158 1.04 21.90 33.65
CA GLU A 158 0.37 23.18 33.85
C GLU A 158 1.44 24.25 34.08
N VAL A 159 1.42 25.29 33.24
CA VAL A 159 2.32 26.42 33.43
C VAL A 159 1.67 27.42 34.37
N THR A 160 2.42 27.85 35.40
CA THR A 160 1.92 28.81 36.39
C THR A 160 1.48 30.12 35.71
N GLY A 161 0.21 30.49 35.90
CA GLY A 161 -0.34 31.71 35.34
C GLY A 161 -1.15 31.51 34.06
N VAL A 162 -1.19 30.27 33.51
CA VAL A 162 -1.98 29.99 32.33
C VAL A 162 -3.26 29.22 32.70
N THR A 163 -4.42 29.72 32.23
CA THR A 163 -5.74 29.17 32.49
C THR A 163 -6.20 28.31 31.32
N LEU A 164 -6.55 27.06 31.62
CA LEU A 164 -6.94 26.06 30.63
C LEU A 164 -8.43 25.76 30.78
N THR A 165 -9.13 25.78 29.64
CA THR A 165 -10.54 25.41 29.55
C THR A 165 -10.69 24.33 28.48
N GLY A 166 -10.99 23.10 28.92
CA GLY A 166 -11.34 22.06 27.99
C GLY A 166 -10.30 20.93 27.92
N GLU A 167 -9.47 20.78 28.96
CA GLU A 167 -8.52 19.67 29.04
C GLU A 167 -9.27 18.33 28.93
N GLY A 168 -8.87 17.48 27.97
CA GLY A 168 -9.54 16.21 27.73
C GLY A 168 -10.81 16.34 26.88
N GLN A 169 -11.01 17.49 26.23
CA GLN A 169 -12.09 17.73 25.29
C GLN A 169 -11.51 18.08 23.90
N ALA A 170 -12.41 18.10 22.92
CA ALA A 170 -12.07 18.37 21.52
C ALA A 170 -11.69 19.83 21.27
N ASP A 171 -12.24 20.73 22.09
CA ASP A 171 -11.98 22.16 22.07
C ASP A 171 -11.19 22.54 23.32
N LEU A 172 -10.02 23.17 23.14
CA LEU A 172 -9.16 23.59 24.23
C LEU A 172 -8.84 25.07 24.09
N THR A 173 -9.04 25.83 25.18
CA THR A 173 -8.64 27.22 25.25
C THR A 173 -7.48 27.34 26.22
N LEU A 174 -6.47 28.12 25.83
CA LEU A 174 -5.40 28.54 26.72
C LEU A 174 -5.46 30.07 26.82
N VAL A 175 -5.40 30.60 28.05
CA VAL A 175 -5.42 32.05 28.25
C VAL A 175 -4.41 32.45 29.33
N SER A 176 -3.66 33.52 29.06
CA SER A 176 -2.58 33.96 29.93
C SER A 176 -2.35 35.47 29.81
N PRO A 177 -2.06 36.18 30.92
CA PRO A 177 -1.56 37.55 30.83
C PRO A 177 -0.13 37.61 30.29
N GLY A 178 0.67 36.58 30.59
CA GLY A 178 2.03 36.49 30.07
C GLY A 178 2.12 35.68 28.78
N LEU A 179 2.78 36.26 27.77
CA LEU A 179 2.96 35.66 26.46
C LEU A 179 3.98 34.51 26.54
N ASP A 180 5.09 34.71 27.26
CA ASP A 180 6.09 33.66 27.48
C ASP A 180 5.46 32.44 28.14
N GLN A 181 4.60 32.67 29.14
CA GLN A 181 3.87 31.61 29.81
C GLN A 181 2.99 30.83 28.84
N LEU A 182 2.22 31.56 28.00
CA LEU A 182 1.35 30.94 27.00
C LEU A 182 2.13 30.04 26.04
N ASN A 183 3.25 30.56 25.50
CA ASN A 183 4.10 29.84 24.57
C ASN A 183 4.75 28.61 25.24
N ARG A 184 5.19 28.75 26.49
CA ARG A 184 5.71 27.58 27.21
C ARG A 184 4.61 26.53 27.36
N GLN A 185 3.37 27.00 27.58
CA GLN A 185 2.23 26.10 27.74
C GLN A 185 1.98 25.32 26.45
N LEU A 186 2.09 26.02 25.30
CA LEU A 186 1.91 25.43 24.00
C LEU A 186 2.97 24.37 23.70
N GLN A 187 4.19 24.51 24.24
CA GLN A 187 5.22 23.48 24.07
C GLN A 187 4.83 22.17 24.76
N LEU A 188 3.80 22.20 25.62
CA LEU A 188 3.41 21.06 26.44
C LEU A 188 2.02 20.53 26.02
N VAL A 189 1.43 21.10 24.96
CA VAL A 189 0.13 20.65 24.52
C VAL A 189 0.27 19.26 23.90
N THR A 190 -0.65 18.37 24.27
CA THR A 190 -0.69 17.01 23.73
C THR A 190 -1.99 16.82 22.96
N TYR A 191 -1.91 16.04 21.87
CA TYR A 191 -3.07 15.54 21.18
C TYR A 191 -3.16 14.04 21.43
N SER A 192 -4.39 13.58 21.72
CA SER A 192 -4.69 12.17 21.86
C SER A 192 -5.77 11.80 20.86
N SER A 193 -5.52 10.73 20.08
CA SER A 193 -6.56 10.13 19.27
C SER A 193 -7.59 9.44 20.18
N ARG A 194 -8.88 9.64 19.88
CA ARG A 194 -9.93 9.24 20.80
C ARG A 194 -10.83 8.16 20.20
N SER A 195 -10.91 8.05 18.88
CA SER A 195 -11.63 6.95 18.26
C SER A 195 -10.70 6.19 17.33
N TYR A 196 -10.99 4.89 17.17
CA TYR A 196 -10.12 4.00 16.41
C TYR A 196 -10.43 4.10 14.90
N GLN A 197 -9.40 4.45 14.12
CA GLN A 197 -9.42 4.21 12.69
C GLN A 197 -8.03 3.75 12.27
N THR A 198 -7.94 3.11 11.10
CA THR A 198 -6.70 2.46 10.72
C THR A 198 -5.73 3.48 10.12
N ASN A 199 -6.28 4.40 9.32
CA ASN A 199 -5.45 5.33 8.58
C ASN A 199 -6.32 6.50 8.14
N THR A 200 -6.27 7.58 8.93
CA THR A 200 -7.05 8.77 8.63
C THR A 200 -6.27 10.00 9.07
N ALA A 201 -6.95 11.14 9.12
CA ALA A 201 -6.31 12.31 9.65
C ALA A 201 -7.38 13.21 10.28
N ASP A 202 -6.92 14.01 11.22
CA ASP A 202 -7.74 15.04 11.82
C ASP A 202 -7.21 16.41 11.42
N THR A 203 -8.06 17.20 10.74
CA THR A 203 -7.68 18.58 10.45
C THR A 203 -8.07 19.46 11.63
N VAL A 204 -7.06 19.88 12.43
CA VAL A 204 -7.28 20.70 13.61
C VAL A 204 -7.33 22.20 13.24
N ARG A 205 -8.03 23.02 14.04
CA ARG A 205 -7.97 24.48 13.93
C ARG A 205 -7.24 25.09 15.12
N PHE A 206 -6.22 25.91 14.84
CA PHE A 206 -5.50 26.70 15.83
C PHE A 206 -5.87 28.16 15.56
N SER A 207 -6.28 28.87 16.62
CA SER A 207 -6.84 30.20 16.41
C SER A 207 -6.55 31.14 17.58
N THR A 208 -6.57 32.43 17.24
CA THR A 208 -6.47 33.51 18.20
C THR A 208 -7.44 34.61 17.74
N GLU A 209 -7.45 35.78 18.37
CA GLU A 209 -8.36 36.83 17.92
C GLU A 209 -8.05 37.20 16.47
N GLY A 210 -9.08 37.09 15.60
CA GLY A 210 -9.06 37.54 14.21
C GLY A 210 -8.11 36.76 13.29
N HIS A 211 -7.66 35.58 13.75
CA HIS A 211 -6.69 34.74 13.06
C HIS A 211 -7.03 33.26 13.25
N GLU A 212 -6.80 32.50 12.17
CA GLU A 212 -7.27 31.13 12.02
C GLU A 212 -6.22 30.37 11.22
N ALA A 213 -5.87 29.16 11.68
CA ALA A 213 -4.93 28.30 10.97
C ALA A 213 -5.45 26.87 10.98
N ALA A 214 -5.48 26.24 9.79
CA ALA A 214 -5.78 24.82 9.73
C ALA A 214 -4.50 24.02 9.53
N PHE A 215 -4.38 22.86 10.20
CA PHE A 215 -3.29 21.92 9.95
C PHE A 215 -3.78 20.51 10.28
N THR A 216 -3.05 19.49 9.82
CA THR A 216 -3.57 18.14 9.87
C THR A 216 -2.63 17.24 10.68
N ILE A 217 -3.20 16.48 11.62
CA ILE A 217 -2.47 15.44 12.31
C ILE A 217 -2.89 14.13 11.68
N ARG A 218 -1.91 13.38 11.18
CA ARG A 218 -2.19 12.10 10.56
C ARG A 218 -2.32 11.05 11.66
N ILE A 219 -3.40 10.26 11.60
CA ILE A 219 -3.68 9.20 12.56
C ILE A 219 -3.52 7.86 11.84
N ARG A 220 -2.43 7.14 12.12
CA ARG A 220 -2.20 5.87 11.44
C ARG A 220 -1.20 5.02 12.22
N HIS A 221 -1.17 3.71 11.89
CA HIS A 221 -0.17 2.83 12.47
C HIS A 221 1.11 2.98 11.65
N PRO A 222 2.29 2.71 12.23
CA PRO A 222 3.50 2.57 11.41
C PRO A 222 3.36 1.36 10.47
N PRO A 223 4.05 1.36 9.31
CA PRO A 223 3.87 0.28 8.33
C PRO A 223 4.51 -1.05 8.76
N ASN A 224 4.00 -2.17 8.26
CA ASN A 224 4.58 -3.48 8.51
C ASN A 224 5.94 -3.46 7.82
N PRO A 225 7.08 -3.59 8.55
CA PRO A 225 8.37 -3.44 7.89
C PRO A 225 8.79 -4.64 7.05
N ARG A 226 8.15 -5.81 7.28
CA ARG A 226 8.36 -7.04 6.53
C ARG A 226 9.85 -7.34 6.31
N LEU A 227 10.61 -7.42 7.41
CA LEU A 227 12.04 -7.71 7.35
C LEU A 227 12.29 -9.21 7.17
N TYR A 228 13.34 -9.55 6.38
CA TYR A 228 13.65 -10.93 6.08
C TYR A 228 14.93 -11.40 6.78
N PRO A 229 14.87 -12.54 7.54
CA PRO A 229 16.05 -13.08 8.19
C PRO A 229 17.19 -13.39 7.23
N PRO A 230 18.45 -13.46 7.73
CA PRO A 230 19.61 -13.83 6.90
C PRO A 230 19.86 -15.33 6.69
N GLY A 231 19.33 -16.19 7.59
CA GLY A 231 19.52 -17.63 7.58
C GLY A 231 20.69 -18.10 6.71
N GLN A 238 29.68 -13.60 -0.15
CA GLN A 238 28.86 -12.70 -1.01
C GLN A 238 27.37 -12.88 -0.65
N TYR A 239 26.56 -13.26 -1.65
CA TYR A 239 25.13 -13.44 -1.50
C TYR A 239 24.80 -14.92 -1.57
N ASN A 240 24.05 -15.39 -0.57
CA ASN A 240 23.53 -16.77 -0.57
C ASN A 240 22.30 -16.77 -1.46
N ILE A 241 22.45 -17.16 -2.73
CA ILE A 241 21.37 -17.07 -3.69
C ILE A 241 20.18 -17.91 -3.23
N SER A 242 20.46 -19.12 -2.70
CA SER A 242 19.44 -20.03 -2.24
C SER A 242 18.58 -19.47 -1.12
N ALA A 243 19.15 -18.58 -0.31
CA ALA A 243 18.44 -17.98 0.82
C ALA A 243 17.63 -16.77 0.37
N LEU A 244 18.17 -16.02 -0.60
CA LEU A 244 17.58 -14.76 -0.99
C LEU A 244 16.56 -14.91 -2.11
N VAL A 245 16.71 -15.95 -2.96
CA VAL A 245 16.00 -15.99 -4.24
C VAL A 245 15.23 -17.30 -4.40
N THR A 246 13.95 -17.20 -4.80
CA THR A 246 13.19 -18.31 -5.33
C THR A 246 12.89 -18.06 -6.81
N ILE A 247 13.06 -19.08 -7.66
CA ILE A 247 12.75 -18.92 -9.07
C ILE A 247 11.33 -19.39 -9.30
N ALA A 248 10.52 -18.54 -9.94
CA ALA A 248 9.09 -18.80 -10.06
C ALA A 248 8.73 -18.90 -11.53
N THR A 249 7.92 -19.90 -11.87
CA THR A 249 7.56 -20.06 -13.27
C THR A 249 6.16 -20.66 -13.40
N LYS A 250 5.62 -20.54 -14.62
CA LYS A 250 4.34 -21.14 -14.94
C LYS A 250 4.47 -21.92 -16.24
N THR A 251 4.02 -23.18 -16.22
CA THR A 251 4.11 -24.07 -17.37
C THR A 251 2.73 -24.53 -17.80
N PHE A 252 2.60 -24.85 -19.08
CA PHE A 252 1.38 -25.42 -19.60
C PHE A 252 1.72 -26.21 -20.86
N LEU A 253 1.66 -27.55 -20.75
CA LEU A 253 1.80 -28.46 -21.87
C LEU A 253 3.19 -28.35 -22.52
N ARG A 254 4.24 -27.96 -21.79
CA ARG A 254 5.55 -27.73 -22.42
C ARG A 254 6.67 -28.24 -21.52
N TYR A 255 6.51 -29.51 -21.12
CA TYR A 255 7.37 -30.11 -20.11
C TYR A 255 8.81 -30.24 -20.57
N ASP A 256 9.01 -30.42 -21.89
CA ASP A 256 10.35 -30.50 -22.48
C ASP A 256 11.09 -29.20 -22.19
N ARG A 257 10.44 -28.06 -22.48
CA ARG A 257 11.04 -26.74 -22.26
C ARG A 257 11.35 -26.55 -20.78
N LEU A 258 10.36 -26.88 -19.92
CA LEU A 258 10.48 -26.75 -18.48
C LEU A 258 11.66 -27.55 -17.94
N ARG A 259 11.83 -28.79 -18.42
CA ARG A 259 12.90 -29.61 -17.87
C ARG A 259 14.26 -29.11 -18.31
N ALA A 260 14.34 -28.62 -19.56
CA ALA A 260 15.59 -28.04 -20.05
C ALA A 260 15.91 -26.77 -19.21
N LEU A 261 14.87 -25.98 -18.86
CA LEU A 261 15.07 -24.86 -17.97
C LEU A 261 15.64 -25.34 -16.64
N ILE A 262 14.97 -26.29 -15.96
CA ILE A 262 15.43 -26.76 -14.66
C ILE A 262 16.87 -27.30 -14.72
N THR A 263 17.17 -28.11 -15.74
CA THR A 263 18.53 -28.61 -15.96
C THR A 263 19.53 -27.46 -16.09
N SER A 264 19.16 -26.41 -16.85
CA SER A 264 20.05 -25.28 -17.08
C SER A 264 20.25 -24.49 -15.80
N ILE A 265 19.18 -24.33 -15.00
CA ILE A 265 19.30 -23.60 -13.74
C ILE A 265 20.30 -24.35 -12.87
N ARG A 266 20.15 -25.67 -12.77
CA ARG A 266 20.93 -26.49 -11.86
C ARG A 266 22.41 -26.51 -12.27
N ARG A 267 22.71 -26.32 -13.56
CA ARG A 267 24.07 -26.19 -14.06
C ARG A 267 24.82 -25.02 -13.41
N PHE A 268 24.10 -24.01 -12.87
CA PHE A 268 24.69 -22.81 -12.28
C PHE A 268 24.28 -22.61 -10.82
N TYR A 269 23.07 -23.09 -10.45
CA TYR A 269 22.46 -22.86 -9.15
C TYR A 269 21.80 -24.13 -8.66
N PRO A 270 22.54 -24.99 -7.92
CA PRO A 270 22.08 -26.32 -7.58
C PRO A 270 21.04 -26.39 -6.48
N THR A 271 21.01 -25.38 -5.57
CA THR A 271 20.11 -25.49 -4.43
C THR A 271 19.06 -24.38 -4.37
N VAL A 272 19.00 -23.52 -5.40
CA VAL A 272 17.95 -22.51 -5.52
C VAL A 272 16.59 -23.18 -5.75
N THR A 273 15.58 -22.78 -4.98
CA THR A 273 14.26 -23.40 -5.09
C THR A 273 13.60 -22.89 -6.36
N VAL A 274 12.96 -23.81 -7.07
CA VAL A 274 12.15 -23.49 -8.24
C VAL A 274 10.71 -23.85 -7.92
N VAL A 275 9.82 -22.85 -8.02
CA VAL A 275 8.38 -23.02 -7.87
C VAL A 275 7.77 -23.08 -9.27
N ILE A 276 6.99 -24.13 -9.51
CA ILE A 276 6.36 -24.33 -10.81
C ILE A 276 4.84 -24.42 -10.61
N ALA A 277 4.12 -23.41 -11.14
CA ALA A 277 2.68 -23.49 -11.23
C ALA A 277 2.34 -24.17 -12.55
N ASP A 278 1.29 -25.01 -12.53
CA ASP A 278 1.00 -25.83 -13.68
C ASP A 278 -0.51 -26.04 -13.80
N ASP A 279 -1.11 -25.71 -14.95
CA ASP A 279 -2.52 -25.95 -15.18
C ASP A 279 -2.73 -26.85 -16.39
N SER A 280 -1.74 -27.68 -16.73
CA SER A 280 -1.86 -28.71 -17.76
C SER A 280 -3.01 -29.68 -17.42
N ASP A 281 -3.66 -30.25 -18.45
CA ASP A 281 -4.79 -31.16 -18.27
C ASP A 281 -4.37 -32.50 -17.68
N LYS A 282 -3.37 -33.14 -18.30
CA LYS A 282 -2.81 -34.37 -17.76
C LYS A 282 -1.38 -34.08 -17.32
N PRO A 283 -1.19 -33.57 -16.09
CA PRO A 283 0.12 -33.09 -15.68
C PRO A 283 1.15 -34.20 -15.54
N GLU A 284 2.32 -33.98 -16.12
CA GLU A 284 3.46 -34.87 -15.88
C GLU A 284 4.01 -34.60 -14.49
N ARG A 285 4.71 -35.60 -13.92
CA ARG A 285 5.46 -35.42 -12.70
C ARG A 285 6.70 -34.57 -12.97
N VAL A 286 6.86 -33.51 -12.18
CA VAL A 286 8.09 -32.73 -12.17
C VAL A 286 8.59 -32.76 -10.73
N SER A 287 9.81 -33.27 -10.56
CA SER A 287 10.42 -33.31 -9.24
C SER A 287 11.93 -33.34 -9.38
N GLY A 288 12.59 -33.11 -8.27
CA GLY A 288 14.03 -33.04 -8.20
C GLY A 288 14.33 -32.30 -6.91
N PRO A 289 15.59 -32.25 -6.44
CA PRO A 289 15.90 -31.44 -5.28
C PRO A 289 15.54 -29.98 -5.54
N TYR A 290 14.88 -29.39 -4.53
CA TYR A 290 14.56 -27.97 -4.45
C TYR A 290 13.60 -27.56 -5.57
N VAL A 291 12.73 -28.47 -6.01
CA VAL A 291 11.66 -28.13 -6.93
C VAL A 291 10.32 -28.34 -6.25
N GLU A 292 9.45 -27.33 -6.34
CA GLU A 292 8.09 -27.41 -5.81
C GLU A 292 7.09 -27.27 -6.96
N HIS A 293 6.29 -28.32 -7.18
CA HIS A 293 5.33 -28.36 -8.27
C HIS A 293 3.91 -28.21 -7.72
N TYR A 294 3.17 -27.20 -8.23
CA TYR A 294 1.79 -26.93 -7.84
C TYR A 294 0.85 -27.19 -9.02
N LEU A 295 -0.17 -28.01 -8.81
CA LEU A 295 -1.14 -28.33 -9.86
C LEU A 295 -2.42 -27.52 -9.69
N MET A 296 -2.87 -26.92 -10.80
CA MET A 296 -4.05 -26.07 -10.85
C MET A 296 -5.13 -26.73 -11.68
N PRO A 297 -6.43 -26.34 -11.56
CA PRO A 297 -7.44 -26.87 -12.48
C PRO A 297 -7.08 -26.53 -13.92
N PHE A 298 -7.35 -27.45 -14.84
CA PHE A 298 -6.92 -27.30 -16.22
C PHE A 298 -7.38 -25.98 -16.82
N GLY A 299 -6.42 -25.23 -17.36
CA GLY A 299 -6.66 -24.00 -18.07
C GLY A 299 -7.13 -22.84 -17.19
N LYS A 300 -6.87 -22.89 -15.88
CA LYS A 300 -7.14 -21.78 -14.98
C LYS A 300 -6.40 -20.52 -15.41
N GLY A 301 -5.19 -20.71 -15.94
CA GLY A 301 -4.60 -19.70 -16.80
C GLY A 301 -3.24 -19.18 -16.34
N TRP A 302 -2.80 -18.19 -17.12
CA TRP A 302 -1.47 -17.63 -17.14
C TRP A 302 -1.21 -16.82 -15.86
N PHE A 303 -1.78 -15.63 -15.75
CA PHE A 303 -1.51 -14.77 -14.60
C PHE A 303 -2.01 -15.44 -13.31
N ALA A 304 -3.09 -16.23 -13.37
CA ALA A 304 -3.50 -17.01 -12.22
C ALA A 304 -2.34 -17.88 -11.68
N GLY A 305 -1.66 -18.58 -12.59
CA GLY A 305 -0.52 -19.40 -12.24
C GLY A 305 0.70 -18.62 -11.79
N ARG A 306 0.87 -17.39 -12.31
CA ARG A 306 1.95 -16.51 -11.86
C ARG A 306 1.66 -16.05 -10.43
N ASN A 307 0.40 -15.72 -10.15
CA ASN A 307 -0.05 -15.28 -8.84
C ASN A 307 0.14 -16.45 -7.85
N LEU A 308 -0.22 -17.66 -8.28
CA LEU A 308 -0.03 -18.86 -7.49
C LEU A 308 1.43 -19.03 -7.11
N ALA A 309 2.34 -18.97 -8.09
CA ALA A 309 3.76 -19.24 -7.90
C ALA A 309 4.32 -18.26 -6.89
N VAL A 310 4.02 -16.98 -7.05
CA VAL A 310 4.53 -15.96 -6.13
C VAL A 310 3.96 -16.12 -4.71
N SER A 311 2.74 -16.65 -4.55
CA SER A 311 2.13 -16.76 -3.24
C SER A 311 2.89 -17.79 -2.38
N GLN A 312 3.75 -18.61 -3.02
CA GLN A 312 4.44 -19.67 -2.31
C GLN A 312 5.90 -19.34 -2.00
N VAL A 313 6.36 -18.14 -2.40
CA VAL A 313 7.75 -17.75 -2.22
C VAL A 313 7.98 -17.26 -0.79
N THR A 314 9.01 -17.82 -0.13
CA THR A 314 9.32 -17.47 1.26
C THR A 314 10.58 -16.61 1.36
N THR A 315 11.24 -16.36 0.23
CA THR A 315 12.51 -15.63 0.19
C THR A 315 12.26 -14.14 -0.07
N LYS A 316 13.26 -13.31 0.24
CA LYS A 316 13.17 -11.86 0.06
C LYS A 316 12.86 -11.49 -1.38
N TYR A 317 13.44 -12.25 -2.32
CA TYR A 317 13.33 -11.99 -3.75
C TYR A 317 12.76 -13.19 -4.51
N VAL A 318 12.08 -12.88 -5.62
CA VAL A 318 11.55 -13.85 -6.56
C VAL A 318 12.12 -13.51 -7.93
N LEU A 319 12.55 -14.53 -8.66
CA LEU A 319 12.95 -14.35 -10.05
C LEU A 319 11.86 -14.94 -10.95
N TRP A 320 11.22 -14.11 -11.78
CA TRP A 320 10.31 -14.63 -12.79
C TRP A 320 11.11 -15.12 -14.01
N VAL A 321 10.85 -16.37 -14.42
CA VAL A 321 11.34 -16.92 -15.66
C VAL A 321 10.17 -17.63 -16.35
N ASP A 322 10.11 -17.53 -17.68
CA ASP A 322 9.13 -18.33 -18.41
C ASP A 322 9.66 -19.78 -18.52
N ASP A 323 8.75 -20.73 -18.75
CA ASP A 323 9.16 -22.13 -18.85
C ASP A 323 10.00 -22.39 -20.10
N ASP A 324 10.06 -21.44 -21.05
CA ASP A 324 10.82 -21.61 -22.29
C ASP A 324 12.22 -21.00 -22.20
N PHE A 325 12.70 -20.73 -20.99
CA PHE A 325 14.01 -20.09 -20.83
C PHE A 325 15.13 -21.10 -20.67
N VAL A 326 16.37 -20.65 -20.89
CA VAL A 326 17.56 -21.45 -20.65
C VAL A 326 18.61 -20.56 -19.99
N PHE A 327 19.14 -21.02 -18.84
CA PHE A 327 20.25 -20.37 -18.18
C PHE A 327 21.56 -20.65 -18.91
N THR A 328 22.43 -19.63 -18.93
CA THR A 328 23.78 -19.71 -19.46
C THR A 328 24.70 -19.02 -18.45
N ALA A 329 26.02 -18.99 -18.72
CA ALA A 329 26.93 -18.26 -17.85
C ALA A 329 26.55 -16.78 -17.72
N ARG A 330 25.70 -16.30 -18.64
CA ARG A 330 25.27 -14.91 -18.71
C ARG A 330 24.09 -14.63 -17.77
N THR A 331 23.44 -15.68 -17.27
CA THR A 331 22.36 -15.49 -16.29
C THR A 331 22.99 -15.36 -14.90
N ARG A 332 23.79 -14.31 -14.72
CA ARG A 332 24.48 -14.10 -13.44
C ARG A 332 23.52 -13.40 -12.49
N LEU A 333 22.75 -14.19 -11.73
CA LEU A 333 21.68 -13.68 -10.87
C LEU A 333 22.22 -12.70 -9.82
N GLU A 334 23.50 -12.89 -9.43
CA GLU A 334 24.16 -12.11 -8.40
C GLU A 334 24.10 -10.63 -8.72
N ARG A 335 24.11 -10.29 -10.01
CA ARG A 335 24.12 -8.90 -10.47
C ARG A 335 22.73 -8.30 -10.21
N LEU A 336 21.67 -9.10 -10.48
CA LEU A 336 20.32 -8.63 -10.24
C LEU A 336 20.09 -8.43 -8.74
N VAL A 337 20.55 -9.42 -7.96
CA VAL A 337 20.52 -9.32 -6.51
C VAL A 337 21.23 -8.04 -6.08
N ASP A 338 22.44 -7.82 -6.64
CA ASP A 338 23.23 -6.65 -6.31
C ASP A 338 22.42 -5.36 -6.47
N VAL A 339 21.70 -5.24 -7.59
CA VAL A 339 20.94 -4.05 -7.87
C VAL A 339 19.86 -3.81 -6.81
N LEU A 340 19.11 -4.86 -6.42
CA LEU A 340 18.03 -4.73 -5.45
C LEU A 340 18.57 -4.55 -4.02
N GLU A 341 19.74 -5.14 -3.72
CA GLU A 341 20.42 -4.95 -2.45
C GLU A 341 20.94 -3.52 -2.29
N ARG A 342 21.35 -2.87 -3.40
CA ARG A 342 22.07 -1.59 -3.34
C ARG A 342 21.23 -0.41 -3.85
N THR A 343 19.97 -0.59 -4.26
CA THR A 343 19.18 0.52 -4.80
C THR A 343 17.77 0.41 -4.26
N PRO A 344 16.97 1.50 -4.33
CA PRO A 344 15.56 1.43 -3.94
C PRO A 344 14.61 0.79 -4.96
N LEU A 345 15.18 0.10 -5.97
CA LEU A 345 14.34 -0.60 -6.93
C LEU A 345 13.57 -1.74 -6.25
N ASP A 346 12.39 -2.06 -6.81
CA ASP A 346 11.57 -3.16 -6.34
C ASP A 346 11.66 -4.34 -7.29
N LEU A 347 11.87 -4.04 -8.59
CA LEU A 347 11.93 -5.05 -9.64
C LEU A 347 13.02 -4.66 -10.63
N VAL A 348 13.86 -5.62 -11.04
CA VAL A 348 14.90 -5.35 -12.01
C VAL A 348 14.89 -6.43 -13.08
N GLY A 349 14.60 -6.01 -14.33
CA GLY A 349 14.54 -6.94 -15.43
C GLY A 349 15.92 -7.18 -16.00
N GLY A 350 16.12 -8.37 -16.57
CA GLY A 350 17.31 -8.69 -17.36
C GLY A 350 16.97 -8.64 -18.84
N ALA A 351 17.78 -9.29 -19.65
CA ALA A 351 17.54 -9.38 -21.08
C ALA A 351 17.31 -10.82 -21.49
N VAL A 352 16.36 -11.01 -22.43
CA VAL A 352 16.06 -12.32 -22.97
C VAL A 352 16.57 -12.36 -24.40
N ARG A 353 17.41 -13.35 -24.70
CA ARG A 353 18.08 -13.47 -25.98
C ARG A 353 17.44 -14.58 -26.80
N GLU A 354 16.93 -14.20 -27.98
CA GLU A 354 16.42 -15.11 -29.00
C GLU A 354 17.55 -15.92 -29.63
N ILE A 355 17.23 -17.12 -30.13
CA ILE A 355 18.22 -17.97 -30.81
C ILE A 355 18.82 -17.30 -32.04
N SER A 356 18.08 -16.34 -32.66
CA SER A 356 18.57 -15.45 -33.69
C SER A 356 19.68 -14.50 -33.22
N GLY A 357 20.00 -14.47 -31.92
CA GLY A 357 21.08 -13.67 -31.38
C GLY A 357 20.63 -12.31 -30.83
N PHE A 358 19.41 -11.87 -31.18
CA PHE A 358 18.86 -10.61 -30.67
C PHE A 358 18.46 -10.74 -29.20
N ALA A 359 18.88 -9.79 -28.34
CA ALA A 359 18.48 -9.79 -26.94
C ALA A 359 17.61 -8.57 -26.62
N THR A 360 16.45 -8.82 -25.98
CA THR A 360 15.53 -7.76 -25.61
C THR A 360 15.48 -7.59 -24.09
N THR A 361 15.50 -6.34 -23.65
CA THR A 361 15.17 -6.00 -22.27
C THR A 361 13.71 -5.55 -22.15
N TYR A 362 13.03 -5.39 -23.30
CA TYR A 362 11.68 -4.87 -23.47
C TYR A 362 11.33 -3.76 -22.48
N ARG A 363 12.17 -2.72 -22.41
CA ARG A 363 11.94 -1.54 -21.59
C ARG A 363 10.74 -0.75 -22.12
N GLN A 364 9.69 -0.63 -21.31
CA GLN A 364 8.48 0.10 -21.69
C GLN A 364 8.19 1.25 -20.73
N LEU A 365 7.60 2.33 -21.30
CA LEU A 365 7.02 3.42 -20.52
C LEU A 365 5.50 3.33 -20.58
N LEU A 366 4.84 3.52 -19.44
CA LEU A 366 3.40 3.51 -19.30
C LEU A 366 2.99 4.78 -18.56
N SER A 367 2.08 5.53 -19.17
CA SER A 367 1.50 6.65 -18.46
C SER A 367 -0.02 6.71 -18.70
N VAL A 368 -0.75 7.13 -17.66
CA VAL A 368 -2.17 7.38 -17.82
C VAL A 368 -2.41 8.88 -17.85
N GLU A 369 -3.19 9.32 -18.83
CA GLU A 369 -3.50 10.74 -18.99
C GLU A 369 -4.97 10.95 -18.73
N PRO A 370 -5.34 12.05 -18.01
CA PRO A 370 -6.71 12.35 -17.68
C PRO A 370 -7.58 12.68 -18.89
N GLY A 371 -8.71 11.96 -18.97
CA GLY A 371 -9.72 12.15 -20.01
C GLY A 371 -11.00 12.77 -19.46
N ALA A 372 -12.03 12.89 -20.31
CA ALA A 372 -13.24 13.61 -19.90
C ALA A 372 -13.91 12.93 -18.72
N PRO A 373 -14.56 13.68 -17.79
CA PRO A 373 -15.21 13.05 -16.64
C PRO A 373 -16.30 12.07 -17.07
N GLY A 374 -16.21 10.79 -16.67
CA GLY A 374 -17.25 9.85 -17.05
C GLY A 374 -16.88 8.94 -18.24
N LEU A 375 -16.01 9.43 -19.13
CA LEU A 375 -15.52 8.63 -20.23
C LEU A 375 -14.39 7.72 -19.76
N GLY A 376 -13.52 8.26 -18.91
CA GLY A 376 -12.33 7.56 -18.46
C GLY A 376 -11.04 8.16 -19.03
N ASN A 377 -9.91 7.56 -18.65
CA ASN A 377 -8.58 8.05 -18.97
C ASN A 377 -7.97 7.28 -20.15
N CYS A 378 -6.76 7.72 -20.56
CA CYS A 378 -6.08 7.20 -21.73
C CYS A 378 -4.72 6.64 -21.30
N LEU A 379 -4.44 5.39 -21.68
CA LEU A 379 -3.14 4.80 -21.42
C LEU A 379 -2.23 4.99 -22.63
N ARG A 380 -0.99 5.46 -22.37
CA ARG A 380 0.03 5.58 -23.38
C ARG A 380 1.13 4.58 -23.04
N GLN A 381 1.34 3.62 -23.95
CA GLN A 381 2.49 2.76 -23.87
C GLN A 381 3.48 3.12 -24.97
N ARG A 382 4.76 3.28 -24.60
CA ARG A 382 5.80 3.47 -25.61
C ARG A 382 7.08 2.78 -25.17
N ARG A 383 7.87 2.30 -26.16
CA ARG A 383 9.20 1.74 -25.90
C ARG A 383 10.09 2.81 -25.30
N GLY A 384 10.91 2.46 -24.30
CA GLY A 384 11.87 3.42 -23.80
C GLY A 384 12.08 3.27 -22.29
N PHE A 385 12.79 4.24 -21.71
CA PHE A 385 13.12 4.24 -20.29
C PHE A 385 13.20 5.67 -19.79
N HIS A 386 13.32 5.88 -18.46
CA HIS A 386 13.30 7.23 -17.90
C HIS A 386 14.70 7.82 -17.83
N HIS A 387 15.64 7.06 -17.28
CA HIS A 387 17.00 7.54 -17.08
C HIS A 387 17.88 6.34 -16.77
N GLU A 388 19.20 6.53 -16.84
CA GLU A 388 20.15 5.51 -16.45
C GLU A 388 20.20 5.36 -14.94
N LEU A 389 20.44 4.13 -14.46
CA LEU A 389 20.57 3.84 -13.05
C LEU A 389 22.00 4.15 -12.61
N VAL A 390 22.18 5.25 -11.86
CA VAL A 390 23.53 5.73 -11.59
C VAL A 390 24.33 4.71 -10.78
N GLY A 391 25.55 4.43 -11.25
CA GLY A 391 26.46 3.49 -10.60
C GLY A 391 26.36 2.08 -11.19
N PHE A 392 25.38 1.82 -12.06
CA PHE A 392 25.17 0.50 -12.64
C PHE A 392 25.11 0.59 -14.15
N PRO A 393 26.27 0.56 -14.86
CA PRO A 393 26.30 0.62 -16.31
C PRO A 393 25.43 -0.45 -16.95
N GLY A 394 24.72 -0.04 -18.00
CA GLY A 394 23.81 -0.90 -18.76
C GLY A 394 22.45 -1.09 -18.09
N CYS A 395 22.19 -0.36 -16.98
CA CYS A 395 20.93 -0.43 -16.26
C CYS A 395 20.18 0.91 -16.33
N VAL A 396 18.85 0.82 -16.45
CA VAL A 396 18.00 1.99 -16.57
C VAL A 396 16.78 1.83 -15.66
N VAL A 397 16.07 2.94 -15.46
CA VAL A 397 14.82 2.94 -14.74
C VAL A 397 13.70 3.13 -15.77
N THR A 398 12.61 2.36 -15.67
CA THR A 398 11.58 2.33 -16.68
C THR A 398 10.28 1.88 -16.00
N ASP A 399 9.20 1.68 -16.75
CA ASP A 399 7.91 1.34 -16.16
C ASP A 399 7.60 -0.15 -16.27
N GLY A 400 8.19 -0.83 -17.27
CA GLY A 400 7.95 -2.25 -17.48
C GLY A 400 9.13 -2.88 -18.23
N VAL A 401 9.25 -4.22 -18.10
CA VAL A 401 10.39 -4.95 -18.64
C VAL A 401 9.90 -6.29 -19.19
N VAL A 402 10.82 -7.00 -19.85
CA VAL A 402 10.55 -8.35 -20.33
C VAL A 402 10.29 -9.25 -19.12
N ASN A 403 9.61 -10.39 -19.31
CA ASN A 403 9.30 -11.28 -18.20
C ASN A 403 10.53 -12.11 -17.85
N PHE A 404 11.66 -11.44 -17.67
CA PHE A 404 12.80 -11.99 -16.96
C PHE A 404 13.19 -10.90 -15.98
N PHE A 405 12.88 -11.12 -14.69
CA PHE A 405 13.19 -10.10 -13.69
C PHE A 405 13.34 -10.71 -12.30
N LEU A 406 14.18 -10.07 -11.48
CA LEU A 406 14.26 -10.31 -10.05
C LEU A 406 13.49 -9.19 -9.37
N ALA A 407 12.71 -9.54 -8.35
CA ALA A 407 11.91 -8.53 -7.66
C ALA A 407 11.77 -8.89 -6.19
N ARG A 408 11.51 -7.86 -5.36
CA ARG A 408 11.14 -8.06 -3.98
C ARG A 408 9.80 -8.79 -3.97
N THR A 409 9.73 -9.97 -3.31
CA THR A 409 8.57 -10.84 -3.39
C THR A 409 7.34 -10.07 -2.91
N ASP A 410 7.50 -9.30 -1.81
CA ASP A 410 6.35 -8.62 -1.23
C ASP A 410 5.75 -7.58 -2.19
N LYS A 411 6.58 -6.84 -2.93
CA LYS A 411 6.09 -5.85 -3.87
C LYS A 411 5.33 -6.53 -5.02
N VAL A 412 5.85 -7.69 -5.49
CA VAL A 412 5.21 -8.45 -6.53
C VAL A 412 3.81 -8.90 -6.08
N ARG A 413 3.67 -9.30 -4.82
CA ARG A 413 2.41 -9.78 -4.30
C ARG A 413 1.47 -8.64 -4.00
N GLU A 414 2.01 -7.51 -3.54
CA GLU A 414 1.22 -6.30 -3.34
C GLU A 414 0.56 -5.85 -4.66
N VAL A 415 1.26 -5.95 -5.78
CA VAL A 415 0.71 -5.62 -7.09
C VAL A 415 -0.15 -6.76 -7.66
N GLY A 416 0.37 -7.99 -7.62
CA GLY A 416 -0.36 -9.17 -8.04
C GLY A 416 -0.45 -9.36 -9.56
N PHE A 417 -0.57 -10.64 -9.95
CA PHE A 417 -0.90 -10.97 -11.32
C PHE A 417 -2.38 -11.28 -11.38
N ASP A 418 -3.18 -10.41 -12.01
CA ASP A 418 -4.64 -10.52 -11.93
C ASP A 418 -5.09 -11.87 -12.47
N PRO A 419 -5.66 -12.75 -11.63
CA PRO A 419 -5.98 -14.10 -12.09
C PRO A 419 -7.06 -14.15 -13.16
N ARG A 420 -7.63 -13.00 -13.53
CA ARG A 420 -8.59 -12.90 -14.62
C ARG A 420 -7.91 -12.97 -15.98
N LEU A 421 -6.61 -12.68 -16.01
CA LEU A 421 -5.86 -12.62 -17.26
C LEU A 421 -5.36 -14.02 -17.62
N SER A 422 -6.26 -14.83 -18.15
CA SER A 422 -6.01 -16.26 -18.21
C SER A 422 -5.13 -16.70 -19.39
N ARG A 423 -4.90 -15.83 -20.39
CA ARG A 423 -4.36 -16.36 -21.65
C ARG A 423 -3.10 -15.64 -22.09
N VAL A 424 -3.25 -14.33 -22.38
CA VAL A 424 -2.21 -13.51 -22.99
C VAL A 424 -2.25 -12.17 -22.31
N ALA A 425 -1.15 -11.90 -21.57
CA ALA A 425 -0.97 -10.67 -20.85
C ALA A 425 0.52 -10.50 -20.54
N HIS A 426 0.94 -9.24 -20.41
CA HIS A 426 2.29 -8.94 -20.01
C HIS A 426 2.34 -7.60 -19.32
N LEU A 427 2.06 -6.52 -20.06
CA LEU A 427 2.18 -5.17 -19.52
C LEU A 427 1.09 -4.88 -18.48
N GLU A 428 0.02 -5.70 -18.48
CA GLU A 428 -1.07 -5.55 -17.54
C GLU A 428 -0.59 -5.62 -16.11
N PHE A 429 0.47 -6.40 -15.85
CA PHE A 429 1.07 -6.46 -14.53
C PHE A 429 1.73 -5.12 -14.17
N PHE A 430 2.55 -4.60 -15.10
CA PHE A 430 3.27 -3.37 -14.86
C PHE A 430 2.33 -2.16 -14.75
N LEU A 431 1.15 -2.24 -15.40
CA LEU A 431 0.09 -1.27 -15.31
C LEU A 431 -0.60 -1.32 -13.94
N ASP A 432 -0.86 -2.53 -13.45
CA ASP A 432 -1.35 -2.70 -12.08
C ASP A 432 -0.35 -2.14 -11.07
N GLY A 433 0.96 -2.27 -11.34
CA GLY A 433 1.99 -1.80 -10.44
C GLY A 433 2.43 -0.37 -10.73
N LEU A 434 1.75 0.35 -11.62
CA LEU A 434 2.27 1.63 -12.04
C LEU A 434 2.28 2.60 -10.85
N GLY A 435 3.47 3.04 -10.46
CA GLY A 435 3.61 4.00 -9.38
C GLY A 435 3.96 3.29 -8.08
N SER A 436 3.45 2.07 -7.94
CA SER A 436 3.64 1.22 -6.78
C SER A 436 5.00 0.53 -6.86
N LEU A 437 5.53 0.31 -8.04
CA LEU A 437 6.64 -0.60 -8.27
C LEU A 437 7.79 0.19 -8.90
N ARG A 438 8.97 0.14 -8.28
CA ARG A 438 10.15 0.81 -8.81
C ARG A 438 10.92 -0.13 -9.74
N VAL A 439 10.84 0.13 -11.05
CA VAL A 439 11.25 -0.85 -12.05
C VAL A 439 12.56 -0.45 -12.72
N GLY A 440 13.52 -1.36 -12.78
CA GLY A 440 14.77 -1.14 -13.48
C GLY A 440 15.04 -2.27 -14.48
N SER A 441 16.13 -2.13 -15.24
CA SER A 441 16.38 -3.05 -16.33
C SER A 441 17.86 -3.06 -16.65
N CYS A 442 18.50 -4.21 -16.47
CA CYS A 442 19.92 -4.38 -16.74
C CYS A 442 20.14 -5.24 -17.97
N SER A 443 20.96 -4.77 -18.90
CA SER A 443 21.13 -5.43 -20.19
C SER A 443 22.18 -6.55 -20.14
N ASP A 444 22.97 -6.63 -19.07
CA ASP A 444 24.12 -7.52 -19.00
C ASP A 444 23.80 -8.84 -18.29
N VAL A 445 22.58 -8.98 -17.74
CA VAL A 445 22.14 -10.26 -17.22
C VAL A 445 21.18 -10.86 -18.23
N VAL A 446 21.55 -12.00 -18.82
CA VAL A 446 20.93 -12.48 -20.05
C VAL A 446 20.54 -13.94 -19.88
N VAL A 447 19.31 -14.24 -20.31
CA VAL A 447 18.79 -15.59 -20.32
C VAL A 447 18.37 -15.88 -21.75
N ASP A 448 18.53 -17.13 -22.18
CA ASP A 448 18.20 -17.48 -23.55
C ASP A 448 16.73 -17.88 -23.62
N HIS A 449 16.12 -17.61 -24.77
CA HIS A 449 14.77 -18.07 -25.03
C HIS A 449 14.84 -19.19 -26.07
N ALA A 450 14.33 -20.38 -25.70
CA ALA A 450 14.37 -21.56 -26.55
C ALA A 450 13.53 -21.35 -27.81
N SER A 451 13.97 -21.98 -28.91
CA SER A 451 13.60 -21.63 -30.29
C SER A 451 12.08 -21.35 -30.45
N ASP A 461 2.36 -32.59 -33.61
CA ASP A 461 2.05 -33.15 -32.28
C ASP A 461 0.63 -32.74 -31.89
N ALA A 462 -0.05 -33.59 -31.09
CA ALA A 462 -1.34 -33.28 -30.48
C ALA A 462 -1.19 -32.05 -29.56
N GLY A 463 -0.23 -32.12 -28.63
CA GLY A 463 0.04 -31.09 -27.64
C GLY A 463 0.25 -29.70 -28.23
N ALA A 464 0.96 -29.61 -29.37
CA ALA A 464 1.39 -28.35 -29.97
C ALA A 464 0.21 -27.57 -30.56
N GLU A 465 -0.71 -28.29 -31.24
CA GLU A 465 -1.94 -27.71 -31.79
C GLU A 465 -2.77 -27.10 -30.65
N THR A 466 -2.85 -27.83 -29.52
CA THR A 466 -3.59 -27.41 -28.34
C THR A 466 -2.95 -26.19 -27.68
N TYR A 467 -1.62 -26.24 -27.46
CA TYR A 467 -0.86 -25.14 -26.87
C TYR A 467 -1.09 -23.84 -27.66
N ALA A 468 -0.93 -23.93 -28.99
CA ALA A 468 -1.12 -22.81 -29.90
C ALA A 468 -2.56 -22.28 -29.88
N ARG A 469 -3.56 -23.15 -29.63
CA ARG A 469 -4.96 -22.75 -29.53
C ARG A 469 -5.21 -21.82 -28.33
N TYR A 470 -4.55 -22.09 -27.19
CA TYR A 470 -4.65 -21.28 -25.98
C TYR A 470 -3.78 -20.03 -26.05
N ARG A 471 -2.53 -20.17 -26.54
CA ARG A 471 -1.58 -19.06 -26.61
C ARG A 471 -1.91 -18.06 -27.74
N TYR A 472 -2.43 -18.56 -28.89
CA TYR A 472 -2.61 -17.76 -30.10
C TYR A 472 -4.08 -17.74 -30.52
N PRO A 473 -4.99 -17.10 -29.73
CA PRO A 473 -6.36 -16.87 -30.18
C PRO A 473 -6.42 -15.75 -31.21
N GLY A 474 -7.54 -15.61 -31.91
CA GLY A 474 -7.82 -14.41 -32.69
C GLY A 474 -7.80 -13.13 -31.85
N SER A 475 -7.50 -12.01 -32.53
CA SER A 475 -7.39 -10.69 -31.93
C SER A 475 -8.77 -10.03 -31.71
N LEU A 476 -9.80 -10.59 -32.37
CA LEU A 476 -11.21 -10.36 -32.08
C LEU A 476 -11.85 -11.52 -31.30
N ASP A 477 -11.03 -12.47 -30.82
CA ASP A 477 -11.51 -13.53 -29.94
C ASP A 477 -12.06 -12.91 -28.65
N GLU A 478 -13.00 -13.66 -28.05
CA GLU A 478 -13.63 -13.33 -26.78
C GLU A 478 -12.58 -13.01 -25.70
N SER A 479 -11.38 -13.63 -25.75
CA SER A 479 -10.30 -13.33 -24.82
C SER A 479 -9.87 -11.87 -24.90
N GLN A 480 -9.64 -11.38 -26.14
CA GLN A 480 -9.16 -10.02 -26.33
C GLN A 480 -10.25 -9.02 -25.94
N MET A 481 -11.50 -9.31 -26.33
CA MET A 481 -12.62 -8.45 -25.99
C MET A 481 -12.79 -8.36 -24.48
N ALA A 482 -12.73 -9.51 -23.80
CA ALA A 482 -12.86 -9.57 -22.35
C ALA A 482 -11.77 -8.73 -21.68
N LYS A 483 -10.54 -8.83 -22.20
CA LYS A 483 -9.42 -8.09 -21.62
C LYS A 483 -9.65 -6.60 -21.79
N HIS A 484 -10.20 -6.17 -22.94
CA HIS A 484 -10.48 -4.76 -23.15
C HIS A 484 -11.55 -4.26 -22.19
N ARG A 485 -12.62 -5.05 -21.98
CA ARG A 485 -13.68 -4.67 -21.04
C ARG A 485 -13.14 -4.62 -19.61
N LEU A 486 -12.30 -5.60 -19.24
CA LEU A 486 -11.66 -5.64 -17.95
C LEU A 486 -10.80 -4.39 -17.74
N LEU A 487 -9.91 -4.06 -18.68
CA LEU A 487 -9.03 -2.92 -18.51
C LEU A 487 -9.82 -1.60 -18.50
N PHE A 488 -10.90 -1.51 -19.31
CA PHE A 488 -11.85 -0.40 -19.29
C PHE A 488 -12.39 -0.19 -17.88
N PHE A 489 -12.83 -1.28 -17.26
CA PHE A 489 -13.48 -1.17 -15.95
C PHE A 489 -12.46 -0.97 -14.84
N LYS A 490 -11.49 -1.87 -14.77
CA LYS A 490 -10.54 -1.96 -13.68
C LYS A 490 -9.75 -0.67 -13.49
N HIS A 491 -9.32 -0.06 -14.61
CA HIS A 491 -8.37 1.07 -14.59
C HIS A 491 -9.01 2.37 -15.05
N ARG A 492 -10.32 2.34 -15.30
CA ARG A 492 -11.07 3.52 -15.71
C ARG A 492 -10.46 4.11 -16.98
N LEU A 493 -10.17 3.24 -17.96
CA LEU A 493 -9.65 3.71 -19.22
C LEU A 493 -10.78 3.74 -20.24
N GLN A 494 -10.69 4.69 -21.20
CA GLN A 494 -11.54 4.68 -22.37
C GLN A 494 -10.79 4.10 -23.57
N CYS A 495 -9.47 4.29 -23.60
CA CYS A 495 -8.67 4.01 -24.78
C CYS A 495 -7.20 3.88 -24.38
N MET A 496 -6.41 3.36 -25.33
CA MET A 496 -4.97 3.19 -25.13
C MET A 496 -4.28 3.40 -26.47
N THR A 497 -3.04 3.91 -26.40
CA THR A 497 -2.15 3.95 -27.57
C THR A 497 -0.92 3.11 -27.28
N SER A 498 -0.60 2.23 -28.24
CA SER A 498 0.59 1.41 -28.23
C SER A 498 1.56 1.91 -29.30
N GLN A 499 2.86 1.95 -28.98
CA GLN A 499 3.89 2.61 -29.79
C GLN A 499 5.15 1.73 -29.86
N LEU B 17 12.30 9.56 23.94
CA LEU B 17 12.74 10.51 22.89
C LEU B 17 12.15 11.90 23.15
N PRO B 18 10.97 12.03 23.81
CA PRO B 18 10.59 13.31 24.39
C PRO B 18 11.48 13.65 25.58
N ASP B 19 11.97 14.90 25.68
CA ASP B 19 12.69 15.33 26.87
C ASP B 19 11.84 16.24 27.76
N LEU B 20 10.82 16.88 27.16
CA LEU B 20 10.05 17.98 27.72
C LEU B 20 10.94 18.98 28.47
N ALA B 21 12.21 19.09 28.04
CA ALA B 21 13.19 19.90 28.75
C ALA B 21 12.80 21.38 28.66
N PRO B 22 12.91 22.14 29.77
CA PRO B 22 12.82 23.59 29.68
C PRO B 22 14.06 24.17 28.99
N GLU B 23 13.86 24.70 27.77
CA GLU B 23 14.93 25.38 27.04
C GLU B 23 15.31 26.66 27.78
N PRO B 24 16.59 27.13 27.67
CA PRO B 24 17.06 28.25 28.48
C PRO B 24 16.22 29.53 28.34
N ARG B 25 15.58 29.70 27.17
CA ARG B 25 14.69 30.80 26.85
C ARG B 25 13.51 30.89 27.83
N TYR B 26 13.08 29.75 28.40
CA TYR B 26 11.91 29.67 29.26
C TYR B 26 12.21 28.99 30.59
N ALA B 27 13.50 28.76 30.90
CA ALA B 27 13.91 28.03 32.11
C ALA B 27 13.49 28.76 33.37
N HIS B 28 13.11 30.05 33.26
CA HIS B 28 12.64 30.83 34.39
C HIS B 28 11.18 30.51 34.76
N ILE B 29 10.47 29.81 33.87
CA ILE B 29 9.03 29.55 34.01
C ILE B 29 8.78 28.27 34.82
N PRO B 30 7.92 28.33 35.88
CA PRO B 30 7.50 27.14 36.61
C PRO B 30 6.40 26.33 35.92
N VAL B 31 6.60 25.01 35.91
CA VAL B 31 5.71 24.02 35.32
C VAL B 31 5.52 22.90 36.34
N ARG B 32 4.26 22.51 36.60
CA ARG B 32 3.99 21.32 37.37
C ARG B 32 3.56 20.22 36.40
N ILE B 33 4.31 19.12 36.38
CA ILE B 33 4.03 17.94 35.57
C ILE B 33 2.62 17.44 35.86
N LYS B 34 1.90 17.05 34.80
CA LYS B 34 0.68 16.29 34.90
C LYS B 34 1.03 14.80 34.81
N GLU B 35 1.05 14.13 35.97
CA GLU B 35 1.51 12.75 36.11
C GLU B 35 0.69 11.87 35.14
N GLN B 36 -0.60 12.18 35.02
CA GLN B 36 -1.58 11.38 34.29
C GLN B 36 -1.36 11.52 32.78
N VAL B 37 -1.03 12.72 32.28
CA VAL B 37 -0.85 12.99 30.85
C VAL B 37 0.51 12.49 30.35
N VAL B 38 1.57 12.70 31.15
CA VAL B 38 2.91 12.25 30.81
C VAL B 38 2.93 10.71 30.65
N GLY B 39 2.05 10.01 31.37
CA GLY B 39 1.92 8.56 31.28
C GLY B 39 1.32 8.11 29.95
N LEU B 40 0.64 9.02 29.23
CA LEU B 40 0.04 8.71 27.93
C LEU B 40 1.09 8.72 26.81
N LEU B 41 2.25 9.35 27.04
CA LEU B 41 3.26 9.51 26.00
C LEU B 41 4.10 8.23 25.87
N ALA B 42 4.70 8.05 24.69
CA ALA B 42 5.50 6.86 24.42
C ALA B 42 6.90 7.04 25.00
N TRP B 43 7.27 6.17 25.94
CA TRP B 43 8.55 6.31 26.60
C TRP B 43 9.60 5.32 26.10
N ASN B 44 9.25 4.57 25.05
CA ASN B 44 10.15 3.69 24.32
C ASN B 44 10.87 2.76 25.30
N ASN B 45 10.13 2.22 26.28
CA ASN B 45 10.70 1.38 27.31
C ASN B 45 9.78 0.23 27.71
N CYS B 46 8.90 -0.19 26.79
CA CYS B 46 7.93 -1.26 27.04
C CYS B 46 8.62 -2.57 27.48
N SER B 47 7.90 -3.35 28.29
CA SER B 47 8.28 -4.71 28.69
C SER B 47 7.02 -5.58 28.73
N CYS B 48 7.21 -6.91 28.79
CA CYS B 48 6.09 -7.83 28.87
C CYS B 48 6.17 -8.59 30.18
N GLU B 49 5.15 -8.44 31.04
CA GLU B 49 5.10 -9.15 32.32
C GLU B 49 3.82 -9.98 32.46
N SER B 50 4.01 -11.20 32.97
CA SER B 50 2.93 -12.13 33.23
C SER B 50 2.16 -11.71 34.49
N SER B 51 0.86 -12.07 34.56
CA SER B 51 0.14 -12.25 35.82
C SER B 51 0.92 -13.20 36.70
N GLY B 52 0.77 -13.05 38.01
CA GLY B 52 1.37 -14.02 38.92
C GLY B 52 0.93 -15.45 38.61
N GLY B 53 1.75 -16.41 39.03
CA GLY B 53 1.32 -17.79 38.93
C GLY B 53 0.29 -18.12 40.01
N GLY B 54 -0.26 -19.32 39.94
CA GLY B 54 -1.19 -19.74 40.98
C GLY B 54 -2.60 -19.80 40.42
N LEU B 55 -3.54 -20.16 41.31
CA LEU B 55 -4.94 -20.32 40.96
C LEU B 55 -5.54 -18.96 40.63
N PRO B 56 -6.38 -18.85 39.58
CA PRO B 56 -6.90 -17.56 39.14
C PRO B 56 -8.00 -17.02 40.04
N LEU B 57 -8.25 -15.70 39.94
CA LEU B 57 -9.23 -15.01 40.73
C LEU B 57 -10.33 -14.46 39.83
N PRO B 58 -11.61 -14.46 40.26
CA PRO B 58 -12.77 -14.28 39.41
C PRO B 58 -12.75 -13.12 38.41
N PHE B 59 -12.19 -11.96 38.80
CA PHE B 59 -12.31 -10.80 37.90
C PHE B 59 -10.99 -10.39 37.27
N GLN B 60 -9.96 -11.23 37.42
CA GLN B 60 -8.61 -11.10 36.88
C GLN B 60 -8.50 -11.98 35.65
N LYS B 61 -7.97 -11.43 34.55
CA LYS B 61 -7.65 -12.30 33.41
C LYS B 61 -6.14 -12.57 33.43
N GLN B 62 -5.75 -13.84 33.28
CA GLN B 62 -4.37 -14.28 33.31
C GLN B 62 -3.67 -13.75 32.06
N VAL B 63 -2.64 -12.90 32.27
CA VAL B 63 -1.75 -12.43 31.22
C VAL B 63 -0.49 -13.29 31.21
N ARG B 64 -0.11 -13.74 30.01
CA ARG B 64 1.10 -14.53 29.84
C ARG B 64 2.06 -13.75 28.95
N ALA B 65 3.31 -13.64 29.39
CA ALA B 65 4.34 -13.02 28.58
C ALA B 65 5.20 -14.07 27.89
N ILE B 66 5.53 -13.79 26.62
CA ILE B 66 6.55 -14.53 25.90
C ILE B 66 7.70 -13.59 25.59
N ASP B 67 8.89 -13.96 26.07
CA ASP B 67 10.15 -13.36 25.65
C ASP B 67 10.64 -14.03 24.36
N LEU B 68 10.52 -13.31 23.24
CA LEU B 68 10.91 -13.82 21.94
C LEU B 68 12.44 -13.97 21.85
N THR B 69 13.19 -13.19 22.62
CA THR B 69 14.65 -13.32 22.59
C THR B 69 15.11 -14.70 23.05
N LYS B 70 14.29 -15.40 23.87
CA LYS B 70 14.61 -16.73 24.37
C LYS B 70 14.55 -17.80 23.26
N ALA B 71 14.02 -17.44 22.09
CA ALA B 71 13.96 -18.37 20.95
C ALA B 71 15.32 -18.49 20.26
N PHE B 72 16.34 -17.77 20.75
CA PHE B 72 17.67 -17.72 20.15
C PHE B 72 18.76 -18.00 21.19
N ASP B 73 19.79 -18.75 20.79
CA ASP B 73 21.12 -18.80 21.40
C ASP B 73 21.68 -17.38 21.53
N PRO B 74 22.45 -17.00 22.58
CA PRO B 74 23.00 -15.63 22.69
C PRO B 74 23.75 -15.10 21.46
N ALA B 75 24.37 -16.03 20.69
CA ALA B 75 25.08 -15.72 19.46
C ALA B 75 24.09 -15.43 18.33
N GLU B 76 23.10 -16.31 18.21
CA GLU B 76 21.98 -16.11 17.30
C GLU B 76 21.35 -14.75 17.61
N LEU B 77 20.96 -14.47 18.85
CA LEU B 77 20.27 -13.24 19.22
C LEU B 77 21.04 -11.99 18.80
N ARG B 78 22.35 -11.98 19.01
CA ARG B 78 23.17 -10.80 18.72
C ARG B 78 23.23 -10.58 17.20
N ALA B 79 23.48 -11.66 16.45
CA ALA B 79 23.46 -11.62 14.99
C ALA B 79 22.12 -11.14 14.43
N ALA B 80 21.04 -11.77 14.90
CA ALA B 80 19.67 -11.46 14.51
C ALA B 80 19.34 -10.01 14.84
N SER B 81 19.71 -9.50 16.02
CA SER B 81 19.40 -8.12 16.39
C SER B 81 20.10 -7.13 15.46
N ALA B 82 21.39 -7.42 15.16
CA ALA B 82 22.18 -6.58 14.26
C ALA B 82 21.57 -6.57 12.85
N THR B 83 21.34 -7.75 12.28
CA THR B 83 20.77 -7.90 10.94
C THR B 83 19.38 -7.28 10.86
N ARG B 84 18.57 -7.47 11.90
CA ARG B 84 17.24 -6.91 11.92
C ARG B 84 17.33 -5.39 11.93
N GLU B 85 18.30 -4.82 12.66
CA GLU B 85 18.45 -3.38 12.69
C GLU B 85 18.84 -2.85 11.31
N GLN B 86 19.81 -3.54 10.68
CA GLN B 86 20.28 -3.23 9.34
C GLN B 86 19.15 -3.27 8.32
N GLU B 87 18.33 -4.32 8.33
CA GLU B 87 17.21 -4.43 7.42
C GLU B 87 16.14 -3.37 7.65
N PHE B 88 15.92 -2.98 8.91
CA PHE B 88 14.93 -1.96 9.24
C PHE B 88 15.40 -0.58 8.75
N GLN B 89 16.70 -0.28 8.92
CA GLN B 89 17.30 0.95 8.44
C GLN B 89 17.17 1.03 6.91
N ALA B 90 17.39 -0.09 6.23
CA ALA B 90 17.21 -0.20 4.79
C ALA B 90 15.76 0.12 4.42
N PHE B 91 14.81 -0.53 5.10
CA PHE B 91 13.40 -0.31 4.90
C PHE B 91 13.02 1.17 5.04
N LEU B 92 13.45 1.82 6.14
CA LEU B 92 13.12 3.22 6.40
C LEU B 92 13.59 4.09 5.24
N SER B 93 14.85 3.88 4.80
CA SER B 93 15.46 4.65 3.72
C SER B 93 14.69 4.53 2.40
N ARG B 94 14.00 3.41 2.14
CA ARG B 94 13.16 3.23 0.94
C ARG B 94 11.75 3.79 1.13
N SER B 95 11.29 3.99 2.38
CA SER B 95 9.91 4.34 2.68
C SER B 95 9.73 5.84 2.90
N GLN B 96 10.70 6.46 3.58
CA GLN B 96 10.50 7.79 4.12
C GLN B 96 10.72 8.83 3.04
N SER B 97 9.97 9.92 3.17
CA SER B 97 9.81 10.95 2.15
C SER B 97 9.99 12.32 2.77
N PRO B 98 10.40 13.35 2.00
CA PRO B 98 10.33 14.72 2.48
C PRO B 98 8.96 15.15 3.01
N ALA B 99 7.89 14.42 2.64
CA ALA B 99 6.54 14.72 3.09
C ALA B 99 6.37 14.38 4.57
N ASP B 100 7.29 13.59 5.11
CA ASP B 100 7.23 13.11 6.49
C ASP B 100 8.05 14.00 7.42
N GLN B 101 8.84 14.95 6.88
CA GLN B 101 9.63 15.91 7.65
C GLN B 101 8.70 16.85 8.42
N LEU B 102 9.11 17.15 9.66
CA LEU B 102 8.42 18.15 10.45
C LEU B 102 8.75 19.54 9.91
N LEU B 103 7.71 20.22 9.39
CA LEU B 103 7.80 21.61 8.95
C LEU B 103 6.95 22.49 9.85
N ILE B 104 7.50 23.63 10.30
CA ILE B 104 6.71 24.55 11.11
C ILE B 104 6.46 25.83 10.32
N ALA B 105 5.20 26.21 10.17
CA ALA B 105 4.76 27.40 9.46
C ALA B 105 5.23 28.64 10.21
N PRO B 106 6.01 29.54 9.59
CA PRO B 106 6.45 30.75 10.26
C PRO B 106 5.30 31.71 10.61
N ALA B 107 5.40 32.41 11.73
CA ALA B 107 4.46 33.45 12.09
C ALA B 107 4.85 34.79 11.45
N ASN B 108 3.85 35.67 11.26
CA ASN B 108 4.04 37.06 10.84
C ASN B 108 4.91 37.13 9.59
N SER B 109 4.51 36.35 8.57
CA SER B 109 5.20 36.29 7.29
C SER B 109 4.18 36.71 6.23
N PRO B 110 4.60 37.53 5.22
CA PRO B 110 3.67 37.98 4.19
C PRO B 110 3.41 36.91 3.15
N LEU B 111 4.04 35.73 3.31
CA LEU B 111 3.97 34.66 2.33
C LEU B 111 2.72 33.83 2.56
N GLN B 112 1.84 33.77 1.55
CA GLN B 112 0.70 32.87 1.50
C GLN B 112 1.02 31.76 0.49
N TYR B 113 0.82 30.50 0.90
CA TYR B 113 1.31 29.35 0.13
C TYR B 113 0.54 28.09 0.51
N PRO B 114 0.45 27.08 -0.39
CA PRO B 114 -0.27 25.85 -0.06
C PRO B 114 0.49 25.01 0.96
N LEU B 115 -0.22 24.54 1.96
CA LEU B 115 0.34 23.94 3.16
C LEU B 115 0.34 22.43 2.98
N GLN B 116 -0.71 21.90 2.34
CA GLN B 116 -0.83 20.48 2.04
C GLN B 116 -1.83 20.36 0.89
N GLY B 117 -1.77 19.20 0.22
CA GLY B 117 -2.84 18.89 -0.71
C GLY B 117 -2.46 19.25 -2.14
N VAL B 118 -1.17 19.49 -2.37
CA VAL B 118 -0.68 19.81 -3.71
C VAL B 118 0.14 18.62 -4.17
N GLU B 119 -0.26 18.08 -5.32
CA GLU B 119 0.31 16.83 -5.83
C GLU B 119 0.45 16.89 -7.36
N VAL B 120 1.54 16.32 -7.86
CA VAL B 120 1.72 16.17 -9.31
C VAL B 120 2.17 14.76 -9.65
N GLN B 121 1.77 14.28 -10.83
CA GLN B 121 2.29 13.00 -11.30
C GLN B 121 3.75 13.15 -11.71
N PRO B 122 4.59 12.12 -11.60
CA PRO B 122 5.95 12.20 -12.08
C PRO B 122 5.98 12.64 -13.54
N LEU B 123 6.91 13.55 -13.85
CA LEU B 123 7.11 14.09 -15.19
C LEU B 123 5.91 14.89 -15.70
N ARG B 124 4.98 15.28 -14.84
CA ARG B 124 3.84 16.09 -15.23
C ARG B 124 3.90 17.49 -14.60
N SER B 125 2.87 18.31 -14.87
CA SER B 125 2.85 19.72 -14.52
C SER B 125 1.50 20.10 -13.92
N ILE B 126 1.54 21.07 -12.99
CA ILE B 126 0.35 21.65 -12.38
C ILE B 126 0.56 23.15 -12.22
N LEU B 127 -0.56 23.88 -12.19
CA LEU B 127 -0.58 25.21 -11.57
C LEU B 127 -0.51 25.03 -10.06
N VAL B 128 0.40 25.75 -9.38
CA VAL B 128 0.49 25.68 -7.94
C VAL B 128 -0.56 26.63 -7.37
N PRO B 129 -1.55 26.14 -6.58
CA PRO B 129 -2.61 27.00 -6.07
C PRO B 129 -2.17 27.80 -4.83
N GLY B 130 -2.74 29.01 -4.71
CA GLY B 130 -2.76 29.75 -3.46
C GLY B 130 -1.48 30.51 -3.13
N LEU B 131 -0.52 30.57 -4.07
CA LEU B 131 0.68 31.39 -3.89
C LEU B 131 0.30 32.88 -3.93
N SER B 132 0.76 33.66 -2.94
CA SER B 132 0.67 35.12 -3.03
C SER B 132 1.56 35.79 -1.98
N LEU B 133 1.90 37.05 -2.28
CA LEU B 133 2.60 37.92 -1.35
C LEU B 133 1.63 39.00 -0.84
N GLN B 134 1.27 38.89 0.43
CA GLN B 134 0.41 39.82 1.13
C GLN B 134 1.28 40.87 1.80
N ALA B 135 2.19 41.47 1.04
CA ALA B 135 3.00 42.55 1.55
C ALA B 135 2.17 43.83 1.56
N ALA B 136 2.66 44.86 2.25
CA ALA B 136 2.00 46.13 2.24
C ALA B 136 2.32 46.84 0.91
N SER B 137 1.33 47.58 0.37
CA SER B 137 1.55 48.39 -0.82
C SER B 137 2.46 49.58 -0.48
N GLY B 138 3.18 50.08 -1.49
CA GLY B 138 3.96 51.29 -1.36
C GLY B 138 5.47 51.06 -1.35
N GLN B 139 5.92 49.83 -1.55
CA GLN B 139 7.33 49.57 -1.74
C GLN B 139 7.69 49.93 -3.17
N GLU B 140 8.99 50.17 -3.43
CA GLU B 140 9.42 50.46 -4.78
C GLU B 140 9.41 49.20 -5.64
N VAL B 141 9.78 48.05 -5.06
CA VAL B 141 9.81 46.81 -5.82
C VAL B 141 9.52 45.62 -4.91
N TYR B 142 8.77 44.65 -5.44
CA TYR B 142 8.48 43.40 -4.75
C TYR B 142 9.14 42.24 -5.50
N GLN B 143 9.81 41.36 -4.75
CA GLN B 143 10.48 40.19 -5.28
C GLN B 143 10.16 38.96 -4.43
N VAL B 144 9.89 37.86 -5.14
CA VAL B 144 9.70 36.55 -4.55
C VAL B 144 10.53 35.52 -5.32
N ASN B 145 11.10 34.57 -4.56
CA ASN B 145 11.89 33.45 -5.04
C ASN B 145 11.11 32.15 -4.79
N LEU B 146 11.11 31.27 -5.80
CA LEU B 146 10.68 29.89 -5.68
C LEU B 146 11.87 28.97 -5.97
N THR B 147 12.11 27.97 -5.10
CA THR B 147 13.17 26.97 -5.25
C THR B 147 12.57 25.57 -5.13
N ALA B 148 12.99 24.69 -6.05
CA ALA B 148 12.57 23.28 -6.08
C ALA B 148 13.81 22.38 -6.18
N SER B 149 13.64 21.06 -6.05
CA SER B 149 14.76 20.14 -6.12
C SER B 149 14.54 19.00 -7.11
N LEU B 150 13.27 18.69 -7.43
CA LEU B 150 12.91 17.58 -8.29
C LEU B 150 12.03 18.06 -9.45
N GLY B 151 11.93 19.39 -9.60
CA GLY B 151 11.11 19.98 -10.65
C GLY B 151 11.59 21.38 -11.03
N THR B 152 10.80 22.04 -11.89
CA THR B 152 11.14 23.34 -12.46
C THR B 152 9.89 24.19 -12.60
N TRP B 153 10.10 25.51 -12.43
CA TRP B 153 9.01 26.48 -12.42
C TRP B 153 8.84 27.10 -13.80
N ASP B 154 7.60 27.45 -14.12
CA ASP B 154 7.32 28.27 -15.28
C ASP B 154 5.96 28.92 -15.06
N VAL B 155 5.52 29.81 -15.97
CA VAL B 155 4.25 30.48 -15.77
C VAL B 155 3.32 30.20 -16.94
N ALA B 156 2.01 30.03 -16.65
CA ALA B 156 0.97 29.84 -17.65
C ALA B 156 0.77 31.10 -18.51
N GLY B 157 1.18 32.26 -17.99
CA GLY B 157 1.11 33.49 -18.75
C GLY B 157 1.98 34.56 -18.09
N GLU B 158 2.61 35.39 -18.94
CA GLU B 158 3.47 36.49 -18.53
C GLU B 158 2.58 37.69 -18.18
N VAL B 159 2.68 38.19 -16.95
CA VAL B 159 1.91 39.35 -16.54
C VAL B 159 2.72 40.60 -16.89
N THR B 160 2.07 41.56 -17.57
CA THR B 160 2.78 42.76 -18.02
C THR B 160 3.25 43.56 -16.81
N GLY B 161 4.56 43.82 -16.78
CA GLY B 161 5.15 44.56 -15.69
C GLY B 161 5.91 43.67 -14.71
N VAL B 162 5.81 42.33 -14.84
CA VAL B 162 6.56 41.41 -13.99
C VAL B 162 7.75 40.81 -14.76
N THR B 163 8.95 40.87 -14.15
CA THR B 163 10.20 40.34 -14.67
C THR B 163 10.48 38.95 -14.08
N LEU B 164 10.67 37.98 -14.99
CA LEU B 164 10.87 36.58 -14.63
C LEU B 164 12.31 36.18 -14.96
N THR B 165 12.95 35.53 -14.00
CA THR B 165 14.31 35.06 -14.15
C THR B 165 14.38 33.62 -13.66
N GLY B 166 14.50 32.69 -14.62
CA GLY B 166 14.68 31.29 -14.26
C GLY B 166 13.52 30.42 -14.71
N GLU B 167 12.73 30.88 -15.70
CA GLU B 167 11.66 30.08 -16.27
C GLU B 167 12.23 28.77 -16.83
N GLY B 168 11.69 27.62 -16.38
CA GLY B 168 12.17 26.31 -16.77
C GLY B 168 13.40 25.84 -15.98
N GLN B 169 13.72 26.52 -14.88
CA GLN B 169 14.80 26.14 -13.98
C GLN B 169 14.25 25.89 -12.57
N ALA B 170 15.11 25.31 -11.73
CA ALA B 170 14.75 24.91 -10.36
C ALA B 170 14.55 26.12 -9.43
N ASP B 171 15.24 27.23 -9.73
CA ASP B 171 15.09 28.50 -9.03
C ASP B 171 14.43 29.52 -9.95
N LEU B 172 13.33 30.12 -9.48
CA LEU B 172 12.60 31.15 -10.23
C LEU B 172 12.47 32.42 -9.38
N THR B 173 12.78 33.56 -9.99
CA THR B 173 12.58 34.87 -9.38
C THR B 173 11.46 35.59 -10.13
N LEU B 174 10.56 36.20 -9.35
CA LEU B 174 9.58 37.14 -9.86
C LEU B 174 9.87 38.51 -9.25
N VAL B 175 9.96 39.55 -10.09
CA VAL B 175 10.22 40.92 -9.64
C VAL B 175 9.22 41.85 -10.30
N SER B 176 8.61 42.74 -9.52
CA SER B 176 7.57 43.64 -10.01
C SER B 176 7.54 44.94 -9.19
N PRO B 177 7.35 46.11 -9.84
CA PRO B 177 7.02 47.33 -9.10
C PRO B 177 5.60 47.30 -8.53
N GLY B 178 4.68 46.63 -9.24
CA GLY B 178 3.32 46.48 -8.76
C GLY B 178 3.10 45.16 -8.01
N LEU B 179 2.53 45.29 -6.80
CA LEU B 179 2.18 44.15 -5.96
C LEU B 179 1.04 43.31 -6.55
N ASP B 180 -0.01 43.95 -7.07
CA ASP B 180 -1.12 43.28 -7.73
C ASP B 180 -0.62 42.47 -8.93
N GLN B 181 0.30 43.03 -9.70
CA GLN B 181 0.90 42.34 -10.84
C GLN B 181 1.63 41.08 -10.38
N LEU B 182 2.45 41.20 -9.32
CA LEU B 182 3.20 40.08 -8.75
C LEU B 182 2.27 38.94 -8.33
N ASN B 183 1.20 39.29 -7.58
CA ASN B 183 0.22 38.33 -7.11
C ASN B 183 -0.53 37.66 -8.26
N ARG B 184 -0.90 38.44 -9.29
CA ARG B 184 -1.54 37.84 -10.45
C ARG B 184 -0.59 36.84 -11.11
N GLN B 185 0.71 37.19 -11.12
CA GLN B 185 1.72 36.35 -11.74
C GLN B 185 1.85 35.02 -10.97
N LEU B 186 1.79 35.10 -9.64
CA LEU B 186 1.85 33.93 -8.78
C LEU B 186 0.65 33.01 -9.00
N GLN B 187 -0.51 33.54 -9.37
CA GLN B 187 -1.66 32.67 -9.66
C GLN B 187 -1.44 31.82 -10.91
N LEU B 188 -0.40 32.13 -11.68
CA LEU B 188 -0.11 31.48 -12.94
C LEU B 188 1.17 30.63 -12.86
N VAL B 189 1.77 30.52 -11.66
CA VAL B 189 2.99 29.74 -11.51
C VAL B 189 2.67 28.25 -11.67
N THR B 190 3.48 27.56 -12.48
CA THR B 190 3.37 26.12 -12.63
C THR B 190 4.63 25.44 -12.08
N TYR B 191 4.44 24.25 -11.49
CA TYR B 191 5.53 23.33 -11.19
C TYR B 191 5.44 22.15 -12.15
N SER B 192 6.62 21.74 -12.65
CA SER B 192 6.76 20.54 -13.45
C SER B 192 7.76 19.60 -12.79
N SER B 193 7.35 18.32 -12.62
CA SER B 193 8.27 17.28 -12.18
C SER B 193 9.26 16.95 -13.30
N ARG B 194 10.55 16.83 -12.96
CA ARG B 194 11.58 16.80 -13.99
C ARG B 194 12.34 15.49 -14.02
N SER B 195 12.41 14.77 -12.89
CA SER B 195 12.99 13.44 -12.91
C SER B 195 11.98 12.44 -12.36
N TYR B 196 12.09 11.20 -12.83
CA TYR B 196 11.06 10.20 -12.57
C TYR B 196 11.34 9.50 -11.23
N GLN B 197 10.35 9.55 -10.34
CA GLN B 197 10.29 8.68 -9.17
C GLN B 197 8.85 8.25 -8.97
N THR B 198 8.63 7.13 -8.25
CA THR B 198 7.30 6.54 -8.24
C THR B 198 6.42 7.24 -7.21
N ASN B 199 7.06 7.59 -6.07
CA ASN B 199 6.30 8.13 -4.95
C ASN B 199 7.22 8.86 -3.99
N THR B 200 7.31 10.19 -4.15
CA THR B 200 8.23 10.99 -3.39
C THR B 200 7.59 12.36 -3.19
N ALA B 201 8.39 13.32 -2.70
CA ALA B 201 7.90 14.66 -2.58
C ALA B 201 9.07 15.62 -2.70
N ASP B 202 8.73 16.84 -3.13
CA ASP B 202 9.71 17.90 -3.27
C ASP B 202 9.36 18.99 -2.27
N THR B 203 10.30 19.28 -1.36
CA THR B 203 10.12 20.40 -0.46
C THR B 203 10.60 21.70 -1.12
N VAL B 204 9.62 22.53 -1.51
CA VAL B 204 9.80 23.83 -2.14
C VAL B 204 10.17 24.89 -1.11
N ARG B 205 10.99 25.90 -1.49
CA ARG B 205 11.12 27.12 -0.72
C ARG B 205 10.52 28.30 -1.48
N PHE B 206 9.61 29.01 -0.81
CA PHE B 206 9.03 30.26 -1.28
C PHE B 206 9.54 31.34 -0.37
N SER B 207 10.09 32.42 -0.96
CA SER B 207 10.79 33.39 -0.12
C SER B 207 10.67 34.81 -0.69
N THR B 208 10.83 35.77 0.24
CA THR B 208 10.90 37.18 -0.05
C THR B 208 11.96 37.77 0.88
N GLU B 209 12.17 39.08 0.89
CA GLU B 209 13.23 39.58 1.76
C GLU B 209 12.87 39.31 3.22
N GLY B 210 13.80 38.63 3.93
CA GLY B 210 13.74 38.40 5.37
C GLY B 210 12.63 37.43 5.81
N HIS B 211 12.01 36.72 4.85
CA HIS B 211 11.00 35.70 5.12
C HIS B 211 11.15 34.50 4.19
N GLU B 212 10.84 33.32 4.74
CA GLU B 212 11.13 32.05 4.10
C GLU B 212 10.00 31.09 4.49
N ALA B 213 9.44 30.38 3.50
CA ALA B 213 8.42 29.36 3.73
C ALA B 213 8.81 28.06 3.04
N ALA B 214 8.79 26.95 3.77
CA ALA B 214 8.87 25.64 3.15
C ALA B 214 7.48 25.01 3.05
N PHE B 215 7.21 24.35 1.93
CA PHE B 215 6.04 23.50 1.74
C PHE B 215 6.39 22.39 0.75
N THR B 216 5.53 21.38 0.68
CA THR B 216 5.89 20.14 0.00
C THR B 216 4.88 19.83 -1.09
N ILE B 217 5.39 19.55 -2.29
CA ILE B 217 4.57 19.06 -3.38
C ILE B 217 4.80 17.56 -3.43
N ARG B 218 3.72 16.79 -3.35
CA ARG B 218 3.80 15.35 -3.43
C ARG B 218 3.93 14.95 -4.90
N ILE B 219 4.92 14.10 -5.24
CA ILE B 219 5.14 13.64 -6.60
C ILE B 219 4.84 12.14 -6.63
N ARG B 220 3.69 11.75 -7.19
CA ARG B 220 3.29 10.36 -7.17
C ARG B 220 2.19 10.11 -8.20
N HIS B 221 1.99 8.83 -8.54
CA HIS B 221 0.91 8.46 -9.44
C HIS B 221 -0.36 8.35 -8.64
N PRO B 222 -1.54 8.55 -9.25
CA PRO B 222 -2.79 8.19 -8.60
C PRO B 222 -2.84 6.70 -8.35
N PRO B 223 -3.59 6.23 -7.34
CA PRO B 223 -3.60 4.80 -7.01
C PRO B 223 -4.36 3.97 -8.05
N ASN B 224 -4.01 2.68 -8.14
CA ASN B 224 -4.74 1.73 -8.99
C ASN B 224 -6.13 1.61 -8.38
N PRO B 225 -7.21 1.98 -9.07
CA PRO B 225 -8.53 1.99 -8.43
C PRO B 225 -9.14 0.60 -8.22
N ARG B 226 -8.64 -0.40 -8.97
CA ARG B 226 -9.01 -1.80 -8.86
C ARG B 226 -10.52 -1.97 -8.80
N LEU B 227 -11.26 -1.44 -9.79
CA LEU B 227 -12.71 -1.52 -9.79
C LEU B 227 -13.20 -2.88 -10.29
N TYR B 228 -14.26 -3.40 -9.65
CA TYR B 228 -14.81 -4.69 -10.04
C TYR B 228 -16.19 -4.49 -10.66
N PRO B 229 -16.44 -5.06 -11.86
CA PRO B 229 -17.81 -5.15 -12.38
C PRO B 229 -18.73 -5.84 -11.38
N PRO B 230 -19.94 -5.30 -11.07
CA PRO B 230 -20.86 -5.91 -10.10
C PRO B 230 -21.73 -7.06 -10.63
N GLY B 231 -21.91 -7.15 -11.96
CA GLY B 231 -22.56 -8.29 -12.60
C GLY B 231 -24.06 -8.35 -12.33
N GLN B 238 -31.06 -8.57 -5.08
CA GLN B 238 -30.04 -7.70 -4.43
C GLN B 238 -28.63 -8.11 -4.87
N TYR B 239 -27.99 -9.09 -4.21
CA TYR B 239 -26.59 -9.40 -4.45
C TYR B 239 -26.46 -10.76 -5.16
N ASN B 240 -25.77 -10.77 -6.31
CA ASN B 240 -25.36 -12.02 -6.95
C ASN B 240 -24.12 -12.54 -6.21
N ILE B 241 -24.35 -13.52 -5.32
CA ILE B 241 -23.28 -13.98 -4.46
C ILE B 241 -22.16 -14.60 -5.30
N SER B 242 -22.52 -15.36 -6.34
CA SER B 242 -21.57 -16.04 -7.21
C SER B 242 -20.64 -15.07 -7.94
N ALA B 243 -21.11 -13.84 -8.18
CA ALA B 243 -20.33 -12.83 -8.86
C ALA B 243 -19.40 -12.10 -7.89
N LEU B 244 -19.89 -11.87 -6.67
CA LEU B 244 -19.17 -11.07 -5.73
C LEU B 244 -18.19 -11.87 -4.86
N VAL B 245 -18.49 -13.18 -4.63
CA VAL B 245 -17.83 -13.92 -3.56
C VAL B 245 -17.23 -15.21 -4.11
N THR B 246 -15.97 -15.48 -3.73
CA THR B 246 -15.35 -16.80 -3.86
C THR B 246 -15.08 -17.34 -2.46
N ILE B 247 -15.36 -18.62 -2.21
CA ILE B 247 -15.06 -19.24 -0.93
C ILE B 247 -13.69 -19.88 -1.01
N ALA B 248 -12.82 -19.58 -0.06
CA ALA B 248 -11.46 -20.07 -0.09
C ALA B 248 -11.20 -20.93 1.15
N THR B 249 -10.55 -22.07 0.94
CA THR B 249 -10.25 -22.96 2.04
C THR B 249 -8.93 -23.71 1.82
N LYS B 250 -8.41 -24.28 2.90
CA LYS B 250 -7.20 -25.10 2.87
C LYS B 250 -7.47 -26.39 3.65
N THR B 251 -7.17 -27.53 3.01
CA THR B 251 -7.45 -28.84 3.56
C THR B 251 -6.15 -29.63 3.66
N PHE B 252 -6.11 -30.56 4.61
CA PHE B 252 -4.98 -31.47 4.73
C PHE B 252 -5.47 -32.72 5.44
N LEU B 253 -5.60 -33.81 4.68
CA LEU B 253 -5.86 -35.14 5.21
C LEU B 253 -7.18 -35.18 5.98
N ARG B 254 -8.18 -34.40 5.51
CA ARG B 254 -9.46 -34.38 6.19
C ARG B 254 -10.60 -34.31 5.18
N TYR B 255 -10.58 -35.26 4.25
CA TYR B 255 -11.48 -35.24 3.11
C TYR B 255 -12.95 -35.36 3.50
N ASP B 256 -13.21 -36.08 4.60
CA ASP B 256 -14.56 -36.25 5.11
C ASP B 256 -15.12 -34.87 5.50
N ARG B 257 -14.33 -34.09 6.25
CA ARG B 257 -14.74 -32.78 6.72
C ARG B 257 -14.97 -31.87 5.51
N LEU B 258 -14.02 -31.89 4.57
CA LEU B 258 -14.06 -31.10 3.34
C LEU B 258 -15.34 -31.37 2.53
N ARG B 259 -15.70 -32.64 2.36
CA ARG B 259 -16.87 -32.99 1.57
C ARG B 259 -18.15 -32.51 2.27
N ALA B 260 -18.20 -32.66 3.59
CA ALA B 260 -19.33 -32.18 4.38
C ALA B 260 -19.45 -30.66 4.23
N LEU B 261 -18.30 -29.96 4.24
CA LEU B 261 -18.30 -28.52 3.99
C LEU B 261 -18.91 -28.22 2.62
N ILE B 262 -18.35 -28.80 1.56
CA ILE B 262 -18.82 -28.52 0.21
C ILE B 262 -20.33 -28.83 0.06
N THR B 263 -20.77 -29.97 0.59
CA THR B 263 -22.18 -30.33 0.59
C THR B 263 -23.02 -29.26 1.29
N SER B 264 -22.55 -28.78 2.43
CA SER B 264 -23.29 -27.80 3.20
C SER B 264 -23.34 -26.45 2.46
N ILE B 265 -22.23 -26.07 1.82
CA ILE B 265 -22.19 -24.83 1.05
C ILE B 265 -23.26 -24.92 -0.05
N ARG B 266 -23.27 -26.03 -0.78
CA ARG B 266 -24.13 -26.21 -1.94
C ARG B 266 -25.62 -26.22 -1.55
N ARG B 267 -25.93 -26.62 -0.32
CA ARG B 267 -27.27 -26.58 0.27
C ARG B 267 -27.84 -25.15 0.25
N PHE B 268 -26.97 -24.11 0.24
CA PHE B 268 -27.38 -22.72 0.32
C PHE B 268 -26.89 -21.89 -0.86
N TYR B 269 -25.75 -22.28 -1.46
CA TYR B 269 -25.05 -21.52 -2.49
C TYR B 269 -24.53 -22.47 -3.56
N PRO B 270 -25.35 -22.73 -4.59
CA PRO B 270 -25.05 -23.77 -5.57
C PRO B 270 -23.99 -23.41 -6.61
N THR B 271 -23.77 -22.12 -6.89
CA THR B 271 -22.86 -21.76 -7.98
C THR B 271 -21.71 -20.88 -7.51
N VAL B 272 -21.59 -20.64 -6.20
CA VAL B 272 -20.44 -19.94 -5.62
C VAL B 272 -19.18 -20.80 -5.77
N THR B 273 -18.10 -20.19 -6.28
CA THR B 273 -16.89 -20.95 -6.52
C THR B 273 -16.21 -21.22 -5.18
N VAL B 274 -15.76 -22.47 -5.02
CA VAL B 274 -15.00 -22.89 -3.85
C VAL B 274 -13.60 -23.24 -4.33
N VAL B 275 -12.59 -22.50 -3.82
CA VAL B 275 -11.18 -22.76 -4.09
C VAL B 275 -10.61 -23.54 -2.91
N ILE B 276 -9.98 -24.67 -3.20
CA ILE B 276 -9.44 -25.56 -2.19
C ILE B 276 -7.94 -25.73 -2.43
N ALA B 277 -7.11 -25.21 -1.52
CA ALA B 277 -5.69 -25.52 -1.54
C ALA B 277 -5.47 -26.78 -0.71
N ASP B 278 -4.56 -27.65 -1.17
CA ASP B 278 -4.43 -28.98 -0.58
C ASP B 278 -2.97 -29.42 -0.61
N ASP B 279 -2.38 -29.74 0.56
CA ASP B 279 -1.01 -30.22 0.62
C ASP B 279 -0.94 -31.62 1.22
N SER B 280 -2.03 -32.40 1.11
CA SER B 280 -2.07 -33.82 1.48
C SER B 280 -1.00 -34.58 0.72
N ASP B 281 -0.41 -35.64 1.31
CA ASP B 281 0.59 -36.46 0.65
C ASP B 281 -0.01 -37.29 -0.48
N LYS B 282 -1.13 -38.00 -0.18
CA LYS B 282 -1.86 -38.74 -1.20
C LYS B 282 -3.20 -38.07 -1.39
N PRO B 283 -3.29 -37.06 -2.28
CA PRO B 283 -4.53 -36.31 -2.40
C PRO B 283 -5.65 -37.10 -3.06
N GLU B 284 -6.82 -37.08 -2.42
CA GLU B 284 -8.01 -37.61 -3.04
C GLU B 284 -8.51 -36.65 -4.10
N ARG B 285 -9.32 -37.15 -5.03
CA ARG B 285 -10.00 -36.28 -5.99
C ARG B 285 -11.13 -35.53 -5.30
N VAL B 286 -11.11 -34.22 -5.46
CA VAL B 286 -12.22 -33.34 -5.11
C VAL B 286 -12.61 -32.61 -6.39
N SER B 287 -13.88 -32.79 -6.76
CA SER B 287 -14.38 -32.17 -7.99
C SER B 287 -15.88 -32.06 -7.88
N GLY B 288 -16.44 -31.23 -8.75
CA GLY B 288 -17.85 -30.93 -8.75
C GLY B 288 -18.01 -29.56 -9.39
N PRO B 289 -19.25 -29.13 -9.72
CA PRO B 289 -19.42 -27.82 -10.30
C PRO B 289 -18.91 -26.72 -9.37
N TYR B 290 -18.16 -25.80 -9.98
CA TYR B 290 -17.66 -24.59 -9.34
C TYR B 290 -16.75 -24.91 -8.14
N VAL B 291 -16.02 -26.04 -8.21
CA VAL B 291 -14.95 -26.34 -7.28
C VAL B 291 -13.62 -26.31 -8.03
N GLU B 292 -12.66 -25.57 -7.47
CA GLU B 292 -11.30 -25.51 -7.97
C GLU B 292 -10.35 -26.11 -6.94
N HIS B 293 -9.68 -27.20 -7.31
CA HIS B 293 -8.80 -27.92 -6.40
C HIS B 293 -7.36 -27.69 -6.86
N TYR B 294 -6.51 -27.17 -5.94
CA TYR B 294 -5.09 -26.90 -6.15
C TYR B 294 -4.26 -27.85 -5.28
N LEU B 295 -3.32 -28.56 -5.90
CA LEU B 295 -2.49 -29.51 -5.17
C LEU B 295 -1.09 -28.93 -4.96
N MET B 296 -0.61 -29.01 -3.72
CA MET B 296 0.66 -28.43 -3.32
C MET B 296 1.65 -29.54 -2.96
N PRO B 297 2.98 -29.27 -2.93
CA PRO B 297 3.92 -30.24 -2.38
C PRO B 297 3.56 -30.62 -0.95
N PHE B 298 3.70 -31.90 -0.61
CA PHE B 298 3.24 -32.41 0.68
C PHE B 298 3.81 -31.59 1.82
N GLY B 299 2.93 -31.10 2.68
CA GLY B 299 3.32 -30.45 3.92
C GLY B 299 3.90 -29.05 3.72
N LYS B 300 3.65 -28.42 2.57
CA LYS B 300 4.12 -27.07 2.30
C LYS B 300 3.49 -26.10 3.29
N GLY B 301 2.25 -26.39 3.70
CA GLY B 301 1.77 -25.83 4.95
C GLY B 301 0.50 -25.00 4.86
N TRP B 302 0.15 -24.49 6.04
CA TRP B 302 -1.11 -23.84 6.35
C TRP B 302 -1.21 -22.48 5.64
N PHE B 303 -0.48 -21.46 6.10
CA PHE B 303 -0.63 -20.13 5.52
C PHE B 303 -0.19 -20.11 4.06
N ALA B 304 0.76 -20.98 3.70
CA ALA B 304 1.13 -21.13 2.28
C ALA B 304 -0.08 -21.48 1.42
N GLY B 305 -0.89 -22.45 1.90
CA GLY B 305 -2.09 -22.86 1.21
C GLY B 305 -3.19 -21.81 1.25
N ARG B 306 -3.23 -20.98 2.32
CA ARG B 306 -4.20 -19.89 2.39
C ARG B 306 -3.81 -18.81 1.36
N ASN B 307 -2.51 -18.53 1.24
CA ASN B 307 -1.98 -17.57 0.30
C ASN B 307 -2.24 -18.07 -1.13
N LEU B 308 -2.05 -19.37 -1.36
CA LEU B 308 -2.36 -19.99 -2.63
C LEU B 308 -3.82 -19.78 -3.00
N ALA B 309 -4.75 -20.10 -2.08
CA ALA B 309 -6.18 -20.06 -2.34
C ALA B 309 -6.60 -18.65 -2.70
N VAL B 310 -6.12 -17.66 -1.95
CA VAL B 310 -6.51 -16.27 -2.22
C VAL B 310 -5.92 -15.77 -3.55
N SER B 311 -4.79 -16.32 -4.00
CA SER B 311 -4.15 -15.85 -5.22
C SER B 311 -5.01 -16.20 -6.44
N GLN B 312 -5.99 -17.09 -6.26
CA GLN B 312 -6.78 -17.60 -7.37
C GLN B 312 -8.18 -16.98 -7.41
N VAL B 313 -8.49 -16.09 -6.47
CA VAL B 313 -9.81 -15.47 -6.39
C VAL B 313 -9.94 -14.32 -7.39
N THR B 314 -10.99 -14.37 -8.22
CA THR B 314 -11.21 -13.38 -9.27
C THR B 314 -12.33 -12.41 -8.93
N THR B 315 -13.00 -12.63 -7.79
CA THR B 315 -14.17 -11.85 -7.36
C THR B 315 -13.73 -10.73 -6.43
N LYS B 316 -14.61 -9.73 -6.25
CA LYS B 316 -14.37 -8.59 -5.37
C LYS B 316 -14.07 -9.04 -3.93
N TYR B 317 -14.77 -10.09 -3.47
CA TYR B 317 -14.69 -10.58 -2.11
C TYR B 317 -14.28 -12.05 -2.06
N VAL B 318 -13.62 -12.42 -0.96
CA VAL B 318 -13.26 -13.79 -0.62
C VAL B 318 -13.83 -14.08 0.76
N LEU B 319 -14.40 -15.28 0.92
CA LEU B 319 -14.79 -15.77 2.24
C LEU B 319 -13.83 -16.85 2.68
N TRP B 320 -13.13 -16.62 3.82
CA TRP B 320 -12.35 -17.69 4.41
C TRP B 320 -13.23 -18.64 5.21
N VAL B 321 -13.13 -19.95 4.93
CA VAL B 321 -13.74 -20.99 5.75
C VAL B 321 -12.70 -22.08 5.99
N ASP B 322 -12.69 -22.65 7.21
CA ASP B 322 -11.86 -23.82 7.44
C ASP B 322 -12.52 -25.06 6.82
N ASP B 323 -11.72 -26.10 6.51
CA ASP B 323 -12.28 -27.31 5.94
C ASP B 323 -13.17 -28.06 6.92
N ASP B 324 -13.17 -27.72 8.23
CA ASP B 324 -13.99 -28.39 9.22
C ASP B 324 -15.31 -27.64 9.49
N PHE B 325 -15.72 -26.75 8.59
CA PHE B 325 -16.90 -25.95 8.83
C PHE B 325 -18.14 -26.60 8.19
N VAL B 326 -19.31 -26.17 8.65
CA VAL B 326 -20.58 -26.59 8.07
C VAL B 326 -21.48 -25.36 7.97
N PHE B 327 -22.00 -25.09 6.76
CA PHE B 327 -23.00 -24.07 6.55
C PHE B 327 -24.36 -24.51 7.10
N THR B 328 -25.10 -23.55 7.68
CA THR B 328 -26.48 -23.74 8.13
C THR B 328 -27.29 -22.54 7.65
N ALA B 329 -28.60 -22.53 7.95
CA ALA B 329 -29.45 -21.39 7.62
C ALA B 329 -28.92 -20.08 8.22
N ARG B 330 -28.00 -20.18 9.19
CA ARG B 330 -27.39 -19.05 9.89
C ARG B 330 -26.23 -18.45 9.07
N THR B 331 -25.69 -19.19 8.09
CA THR B 331 -24.58 -18.69 7.29
C THR B 331 -25.11 -17.80 6.17
N ARG B 332 -25.75 -16.69 6.54
CA ARG B 332 -26.31 -15.76 5.55
C ARG B 332 -25.20 -14.84 5.03
N LEU B 333 -24.51 -15.25 3.97
CA LEU B 333 -23.37 -14.51 3.43
C LEU B 333 -23.76 -13.10 3.02
N GLU B 334 -25.02 -12.94 2.62
CA GLU B 334 -25.57 -11.67 2.12
C GLU B 334 -25.36 -10.56 3.14
N ARG B 335 -25.37 -10.90 4.43
CA ARG B 335 -25.26 -9.92 5.50
C ARG B 335 -23.81 -9.44 5.55
N LEU B 336 -22.86 -10.35 5.37
CA LEU B 336 -21.45 -10.01 5.37
C LEU B 336 -21.15 -9.13 4.16
N VAL B 337 -21.69 -9.53 3.00
CA VAL B 337 -21.59 -8.73 1.78
C VAL B 337 -22.15 -7.34 2.06
N ASP B 338 -23.32 -7.28 2.69
CA ASP B 338 -23.99 -6.03 3.01
C ASP B 338 -23.05 -5.10 3.78
N VAL B 339 -22.35 -5.63 4.79
CA VAL B 339 -21.45 -4.83 5.61
C VAL B 339 -20.33 -4.22 4.78
N LEU B 340 -19.71 -5.02 3.90
CA LEU B 340 -18.59 -4.56 3.08
C LEU B 340 -19.05 -3.65 1.94
N GLU B 341 -20.27 -3.89 1.42
CA GLU B 341 -20.89 -3.02 0.42
C GLU B 341 -21.24 -1.65 1.01
N ARG B 342 -21.57 -1.57 2.31
CA ARG B 342 -22.12 -0.37 2.92
C ARG B 342 -21.14 0.34 3.86
N THR B 343 -19.93 -0.20 4.09
CA THR B 343 -19.02 0.41 5.04
C THR B 343 -17.61 0.42 4.47
N PRO B 344 -16.69 1.25 5.03
CA PRO B 344 -15.29 1.21 4.66
C PRO B 344 -14.47 0.03 5.22
N LEU B 345 -15.14 -0.98 5.81
CA LEU B 345 -14.44 -2.16 6.30
C LEU B 345 -13.82 -2.93 5.12
N ASP B 346 -12.73 -3.64 5.42
CA ASP B 346 -12.05 -4.45 4.43
C ASP B 346 -12.32 -5.93 4.67
N LEU B 347 -12.49 -6.29 5.96
CA LEU B 347 -12.73 -7.67 6.38
C LEU B 347 -13.82 -7.64 7.46
N VAL B 348 -14.79 -8.55 7.37
CA VAL B 348 -15.80 -8.70 8.40
C VAL B 348 -15.94 -10.18 8.80
N GLY B 349 -15.61 -10.47 10.06
CA GLY B 349 -15.71 -11.83 10.54
C GLY B 349 -17.12 -12.15 11.00
N GLY B 350 -17.49 -13.44 10.91
CA GLY B 350 -18.74 -13.98 11.42
C GLY B 350 -18.48 -14.71 12.73
N ALA B 351 -19.39 -15.57 13.13
CA ALA B 351 -19.24 -16.35 14.35
C ALA B 351 -19.19 -17.85 13.99
N VAL B 352 -18.32 -18.58 14.70
CA VAL B 352 -18.22 -20.02 14.54
C VAL B 352 -18.80 -20.69 15.78
N ARG B 353 -19.78 -21.58 15.57
CA ARG B 353 -20.50 -22.25 16.64
C ARG B 353 -19.98 -23.68 16.78
N GLU B 354 -19.48 -23.99 17.99
CA GLU B 354 -19.08 -25.34 18.38
C GLU B 354 -20.29 -26.25 18.58
N ILE B 355 -20.11 -27.57 18.44
CA ILE B 355 -21.21 -28.53 18.62
C ILE B 355 -21.78 -28.49 20.05
N SER B 356 -20.98 -28.03 21.03
CA SER B 356 -21.41 -27.70 22.38
C SER B 356 -22.42 -26.53 22.44
N GLY B 357 -22.66 -25.84 21.31
CA GLY B 357 -23.65 -24.77 21.22
C GLY B 357 -23.07 -23.37 21.41
N PHE B 358 -21.83 -23.28 21.91
CA PHE B 358 -21.15 -21.99 22.10
C PHE B 358 -20.69 -21.41 20.75
N ALA B 359 -20.97 -20.13 20.47
CA ALA B 359 -20.49 -19.48 19.24
C ALA B 359 -19.47 -18.37 19.53
N THR B 360 -18.33 -18.39 18.84
CA THR B 360 -17.27 -17.41 19.04
C THR B 360 -17.09 -16.55 17.79
N THR B 361 -16.93 -15.24 18.01
CA THR B 361 -16.49 -14.32 16.99
C THR B 361 -14.98 -14.08 17.08
N TYR B 362 -14.34 -14.60 18.14
CA TYR B 362 -12.94 -14.40 18.50
C TYR B 362 -12.40 -12.99 18.21
N ARG B 363 -13.12 -11.96 18.64
CA ARG B 363 -12.72 -10.56 18.53
C ARG B 363 -11.46 -10.26 19.36
N GLN B 364 -10.37 -9.90 18.68
CA GLN B 364 -9.09 -9.64 19.33
C GLN B 364 -8.61 -8.22 19.06
N LEU B 365 -7.94 -7.66 20.07
CA LEU B 365 -7.22 -6.41 19.93
C LEU B 365 -5.72 -6.68 19.93
N LEU B 366 -5.04 -6.04 18.99
CA LEU B 366 -3.60 -6.19 18.83
C LEU B 366 -2.98 -4.80 18.78
N SER B 367 -2.04 -4.58 19.68
CA SER B 367 -1.33 -3.31 19.64
C SER B 367 0.17 -3.53 19.86
N VAL B 368 0.96 -2.73 19.15
CA VAL B 368 2.39 -2.78 19.36
C VAL B 368 2.82 -1.52 20.13
N GLU B 369 3.62 -1.72 21.17
CA GLU B 369 4.07 -0.62 21.99
C GLU B 369 5.56 -0.45 21.79
N PRO B 370 6.05 0.81 21.71
CA PRO B 370 7.47 1.08 21.51
C PRO B 370 8.34 0.67 22.69
N GLY B 371 9.36 -0.15 22.38
CA GLY B 371 10.36 -0.58 23.33
C GLY B 371 11.71 0.10 23.11
N ALA B 372 12.70 -0.34 23.89
CA ALA B 372 13.99 0.31 23.92
C ALA B 372 14.67 0.24 22.55
N PRO B 373 15.48 1.27 22.18
CA PRO B 373 16.17 1.25 20.89
C PRO B 373 17.06 0.02 20.73
N GLY B 374 16.82 -0.79 19.68
CA GLY B 374 17.64 -1.95 19.39
C GLY B 374 17.11 -3.27 19.96
N LEU B 375 16.30 -3.21 21.03
CA LEU B 375 15.68 -4.39 21.61
C LEU B 375 14.47 -4.83 20.79
N GLY B 376 13.71 -3.83 20.32
CA GLY B 376 12.45 -4.08 19.63
C GLY B 376 11.23 -3.72 20.48
N ASN B 377 10.05 -3.91 19.88
CA ASN B 377 8.77 -3.50 20.42
C ASN B 377 8.07 -4.65 21.15
N CYS B 378 6.94 -4.33 21.80
CA CYS B 378 6.14 -5.30 22.55
C CYS B 378 4.75 -5.42 21.93
N LEU B 379 4.33 -6.65 21.64
CA LEU B 379 2.97 -6.88 21.18
C LEU B 379 2.04 -7.21 22.35
N ARG B 380 0.87 -6.57 22.38
CA ARG B 380 -0.18 -6.88 23.33
C ARG B 380 -1.34 -7.46 22.54
N GLN B 381 -1.67 -8.72 22.84
CA GLN B 381 -2.92 -9.29 22.38
C GLN B 381 -3.90 -9.40 23.55
N ARG B 382 -5.13 -8.91 23.34
CA ARG B 382 -6.17 -9.12 24.35
C ARG B 382 -7.53 -9.25 23.67
N ARG B 383 -8.43 -10.01 24.29
CA ARG B 383 -9.81 -10.17 23.81
C ARG B 383 -10.51 -8.82 23.84
N GLY B 384 -11.33 -8.55 22.83
CA GLY B 384 -12.14 -7.34 22.87
C GLY B 384 -12.32 -6.71 21.50
N PHE B 385 -12.86 -5.49 21.49
CA PHE B 385 -13.11 -4.74 20.27
C PHE B 385 -13.00 -3.25 20.56
N HIS B 386 -13.05 -2.40 19.54
CA HIS B 386 -12.84 -0.97 19.72
C HIS B 386 -14.15 -0.25 20.00
N HIS B 387 -15.15 -0.49 19.15
CA HIS B 387 -16.43 0.19 19.25
C HIS B 387 -17.45 -0.58 18.42
N GLU B 388 -18.73 -0.27 18.63
CA GLU B 388 -19.80 -0.86 17.83
C GLU B 388 -19.81 -0.22 16.44
N LEU B 389 -20.25 -1.04 15.45
CA LEU B 389 -20.36 -0.60 14.07
C LEU B 389 -21.71 0.06 13.91
N VAL B 390 -21.69 1.39 13.75
CA VAL B 390 -22.92 2.17 13.72
C VAL B 390 -23.81 1.73 12.57
N GLY B 391 -25.08 1.41 12.86
CA GLY B 391 -26.06 1.03 11.85
C GLY B 391 -26.18 -0.49 11.68
N PHE B 392 -25.28 -1.26 12.30
CA PHE B 392 -25.24 -2.70 12.12
C PHE B 392 -25.28 -3.40 13.48
N PRO B 393 -26.47 -3.65 14.05
CA PRO B 393 -26.58 -4.32 15.35
C PRO B 393 -25.85 -5.65 15.35
N GLY B 394 -25.15 -5.92 16.47
CA GLY B 394 -24.38 -7.15 16.66
C GLY B 394 -23.01 -7.15 15.96
N CYS B 395 -22.62 -5.99 15.38
CA CYS B 395 -21.32 -5.86 14.71
C CYS B 395 -20.44 -4.83 15.41
N VAL B 396 -19.13 -5.10 15.43
CA VAL B 396 -18.16 -4.24 16.08
C VAL B 396 -16.93 -4.08 15.19
N VAL B 397 -16.07 -3.12 15.56
CA VAL B 397 -14.80 -2.93 14.88
C VAL B 397 -13.72 -3.41 15.84
N THR B 398 -12.76 -4.19 15.33
CA THR B 398 -11.76 -4.84 16.16
C THR B 398 -10.47 -5.02 15.35
N ASP B 399 -9.44 -5.69 15.89
CA ASP B 399 -8.20 -5.86 15.17
C ASP B 399 -8.08 -7.24 14.50
N GLY B 400 -8.79 -8.25 15.03
CA GLY B 400 -8.76 -9.60 14.49
C GLY B 400 -10.00 -10.38 14.86
N VAL B 401 -10.30 -11.45 14.11
CA VAL B 401 -11.50 -12.24 14.27
C VAL B 401 -11.19 -13.73 14.07
N VAL B 402 -12.22 -14.56 14.27
CA VAL B 402 -12.16 -15.98 13.99
C VAL B 402 -11.94 -16.18 12.49
N ASN B 403 -11.39 -17.32 12.07
CA ASN B 403 -11.18 -17.59 10.67
C ASN B 403 -12.49 -18.00 9.99
N PHE B 404 -13.53 -17.19 10.21
CA PHE B 404 -14.69 -17.19 9.34
C PHE B 404 -14.91 -15.71 9.03
N PHE B 405 -14.57 -15.30 7.80
CA PHE B 405 -14.72 -13.89 7.47
C PHE B 405 -14.84 -13.68 5.97
N LEU B 406 -15.56 -12.62 5.60
CA LEU B 406 -15.66 -12.11 4.25
C LEU B 406 -14.76 -10.89 4.16
N ALA B 407 -13.98 -10.80 3.08
CA ALA B 407 -13.02 -9.71 2.94
C ALA B 407 -12.90 -9.30 1.48
N ARG B 408 -12.47 -8.05 1.24
CA ARG B 408 -12.06 -7.58 -0.06
C ARG B 408 -10.83 -8.38 -0.46
N THR B 409 -10.87 -9.05 -1.63
CA THR B 409 -9.82 -9.96 -2.03
C THR B 409 -8.49 -9.23 -2.09
N ASP B 410 -8.53 -7.98 -2.61
CA ASP B 410 -7.31 -7.23 -2.83
C ASP B 410 -6.62 -6.91 -1.50
N LYS B 411 -7.40 -6.56 -0.46
CA LYS B 411 -6.83 -6.25 0.83
C LYS B 411 -6.20 -7.49 1.46
N VAL B 412 -6.86 -8.66 1.31
CA VAL B 412 -6.36 -9.90 1.83
C VAL B 412 -5.02 -10.25 1.16
N ARG B 413 -4.88 -9.98 -0.15
CA ARG B 413 -3.67 -10.29 -0.86
C ARG B 413 -2.60 -9.27 -0.58
N GLU B 414 -2.98 -8.00 -0.41
CA GLU B 414 -2.05 -6.95 -0.01
C GLU B 414 -1.38 -7.31 1.32
N VAL B 415 -2.13 -7.88 2.28
CA VAL B 415 -1.56 -8.33 3.55
C VAL B 415 -0.85 -9.68 3.43
N GLY B 416 -1.53 -10.66 2.83
CA GLY B 416 -0.93 -11.96 2.58
C GLY B 416 -0.88 -12.87 3.80
N PHE B 417 -0.94 -14.19 3.53
CA PHE B 417 -0.69 -15.17 4.56
C PHE B 417 0.74 -15.63 4.40
N ASP B 418 1.63 -15.26 5.32
CA ASP B 418 3.05 -15.50 5.15
C ASP B 418 3.29 -17.01 4.97
N PRO B 419 3.79 -17.47 3.80
CA PRO B 419 3.93 -18.89 3.55
C PRO B 419 4.90 -19.61 4.48
N ARG B 420 5.63 -18.86 5.32
CA ARG B 420 6.55 -19.43 6.29
C ARG B 420 5.80 -20.01 7.49
N LEU B 421 4.52 -19.61 7.67
CA LEU B 421 3.75 -20.06 8.82
C LEU B 421 3.08 -21.40 8.51
N SER B 422 3.88 -22.48 8.56
CA SER B 422 3.49 -23.72 7.88
C SER B 422 2.56 -24.63 8.68
N ARG B 423 2.37 -24.37 9.96
CA ARG B 423 1.72 -25.36 10.80
C ARG B 423 0.53 -24.76 11.57
N VAL B 424 0.84 -23.84 12.49
CA VAL B 424 -0.12 -23.30 13.45
C VAL B 424 0.07 -21.78 13.46
N ALA B 425 -1.01 -21.08 13.08
CA ALA B 425 -1.02 -19.62 12.99
C ALA B 425 -2.45 -19.16 12.86
N HIS B 426 -2.72 -17.97 13.38
CA HIS B 426 -4.02 -17.37 13.24
C HIS B 426 -3.91 -15.85 13.29
N LEU B 427 -3.52 -15.30 14.44
CA LEU B 427 -3.48 -13.86 14.63
C LEU B 427 -2.31 -13.25 13.87
N GLU B 428 -1.36 -14.09 13.43
CA GLU B 428 -0.22 -13.59 12.68
C GLU B 428 -0.65 -12.88 11.40
N PHE B 429 -1.79 -13.29 10.82
CA PHE B 429 -2.33 -12.60 9.67
C PHE B 429 -2.84 -11.21 10.06
N PHE B 430 -3.60 -11.11 11.16
CA PHE B 430 -4.16 -9.85 11.58
C PHE B 430 -3.09 -8.88 12.04
N LEU B 431 -1.97 -9.42 12.56
CA LEU B 431 -0.79 -8.65 12.94
C LEU B 431 -0.06 -8.13 11.68
N ASP B 432 0.10 -8.96 10.65
CA ASP B 432 0.63 -8.52 9.36
C ASP B 432 -0.25 -7.43 8.75
N GLY B 433 -1.58 -7.49 8.96
CA GLY B 433 -2.49 -6.51 8.40
C GLY B 433 -2.73 -5.32 9.32
N LEU B 434 -2.07 -5.25 10.48
CA LEU B 434 -2.46 -4.28 11.49
C LEU B 434 -2.30 -2.86 10.97
N GLY B 435 -3.41 -2.13 10.88
CA GLY B 435 -3.36 -0.74 10.42
C GLY B 435 -3.76 -0.65 8.94
N SER B 436 -3.39 -1.69 8.20
CA SER B 436 -3.61 -1.79 6.77
C SER B 436 -5.06 -2.27 6.51
N LEU B 437 -5.63 -3.02 7.45
CA LEU B 437 -6.84 -3.79 7.23
C LEU B 437 -7.91 -3.29 8.21
N ARG B 438 -9.09 -2.92 7.70
CA ARG B 438 -10.20 -2.44 8.50
C ARG B 438 -11.09 -3.62 8.85
N VAL B 439 -11.01 -4.06 10.12
CA VAL B 439 -11.60 -5.32 10.53
C VAL B 439 -12.87 -5.11 11.36
N GLY B 440 -13.96 -5.80 10.98
CA GLY B 440 -15.18 -5.81 11.75
C GLY B 440 -15.62 -7.25 12.06
N SER B 441 -16.67 -7.39 12.86
CA SER B 441 -17.08 -8.70 13.35
C SER B 441 -18.56 -8.68 13.67
N CYS B 442 -19.33 -9.53 12.99
CA CYS B 442 -20.78 -9.61 13.15
C CYS B 442 -21.13 -10.95 13.79
N SER B 443 -21.97 -10.90 14.84
CA SER B 443 -22.26 -12.08 15.62
C SER B 443 -23.43 -12.86 15.05
N ASP B 444 -24.17 -12.30 14.07
CA ASP B 444 -25.42 -12.90 13.61
C ASP B 444 -25.23 -13.73 12.33
N VAL B 445 -24.02 -13.74 11.75
CA VAL B 445 -23.74 -14.65 10.65
C VAL B 445 -22.89 -15.79 11.20
N VAL B 446 -23.42 -17.02 11.15
CA VAL B 446 -22.91 -18.09 11.99
C VAL B 446 -22.69 -19.34 11.15
N VAL B 447 -21.55 -19.98 11.37
CA VAL B 447 -21.20 -21.22 10.71
C VAL B 447 -20.89 -22.24 11.80
N ASP B 448 -21.16 -23.52 11.56
CA ASP B 448 -20.92 -24.53 12.57
C ASP B 448 -19.51 -25.08 12.40
N HIS B 449 -18.91 -25.48 13.52
CA HIS B 449 -17.63 -26.16 13.48
C HIS B 449 -17.82 -27.63 13.82
N ALA B 450 -17.44 -28.53 12.91
CA ALA B 450 -17.50 -29.97 13.14
C ALA B 450 -16.58 -30.39 14.30
N SER B 451 -17.02 -31.42 15.03
CA SER B 451 -16.60 -31.78 16.39
C SER B 451 -15.07 -31.70 16.57
N ASP B 461 -7.92 -44.27 12.22
CA ASP B 461 -7.26 -44.44 10.90
C ASP B 461 -5.83 -43.89 10.96
N ALA B 462 -5.10 -44.14 9.87
CA ALA B 462 -3.74 -43.65 9.66
C ALA B 462 -3.73 -42.11 9.66
N GLY B 463 -4.59 -41.53 8.81
CA GLY B 463 -4.70 -40.10 8.56
C GLY B 463 -4.82 -39.26 9.83
N ALA B 464 -5.60 -39.71 10.84
CA ALA B 464 -5.94 -38.89 12.01
C ALA B 464 -4.75 -38.69 12.94
N GLU B 465 -4.00 -39.79 13.18
CA GLU B 465 -2.77 -39.75 13.96
C GLU B 465 -1.75 -38.81 13.32
N THR B 466 -1.67 -38.84 11.98
CA THR B 466 -0.78 -38.00 11.18
C THR B 466 -1.20 -36.54 11.25
N TYR B 467 -2.49 -36.25 11.03
CA TYR B 467 -3.04 -34.89 11.10
C TYR B 467 -2.72 -34.25 12.45
N ALA B 468 -3.01 -34.98 13.55
CA ALA B 468 -2.75 -34.53 14.91
C ALA B 468 -1.25 -34.30 15.16
N ARG B 469 -0.37 -35.08 14.50
CA ARG B 469 1.08 -34.92 14.63
C ARG B 469 1.57 -33.58 14.06
N TYR B 470 0.97 -33.12 12.95
CA TYR B 470 1.28 -31.83 12.33
C TYR B 470 0.58 -30.67 13.05
N ARG B 471 -0.71 -30.84 13.38
CA ARG B 471 -1.51 -29.79 13.97
C ARG B 471 -1.20 -29.54 15.45
N TYR B 472 -0.81 -30.60 16.20
CA TYR B 472 -0.51 -30.53 17.63
C TYR B 472 0.94 -30.92 17.92
N PRO B 473 1.92 -30.07 17.52
CA PRO B 473 3.31 -30.28 17.90
C PRO B 473 3.55 -29.90 19.36
N GLY B 474 4.72 -30.27 19.91
CA GLY B 474 5.18 -29.72 21.17
C GLY B 474 5.30 -28.18 21.14
N SER B 475 5.19 -27.56 22.32
CA SER B 475 5.22 -26.12 22.51
C SER B 475 6.65 -25.59 22.53
N LEU B 476 7.62 -26.50 22.69
CA LEU B 476 9.05 -26.28 22.47
C LEU B 476 9.52 -26.94 21.16
N ASP B 477 8.57 -27.38 20.32
CA ASP B 477 8.89 -27.89 18.99
C ASP B 477 9.56 -26.80 18.18
N GLU B 478 10.38 -27.25 17.22
CA GLU B 478 11.07 -26.39 16.28
C GLU B 478 10.10 -25.43 15.59
N SER B 479 8.83 -25.83 15.36
CA SER B 479 7.80 -24.95 14.79
C SER B 479 7.57 -23.72 15.64
N GLN B 480 7.39 -23.91 16.96
CA GLN B 480 7.10 -22.82 17.86
C GLN B 480 8.31 -21.88 17.95
N MET B 481 9.51 -22.47 18.09
CA MET B 481 10.74 -21.69 18.17
C MET B 481 10.93 -20.87 16.91
N ALA B 482 10.77 -21.49 15.74
CA ALA B 482 10.91 -20.83 14.44
C ALA B 482 9.94 -19.68 14.32
N LYS B 483 8.70 -19.87 14.77
CA LYS B 483 7.68 -18.83 14.66
C LYS B 483 8.05 -17.66 15.56
N HIS B 484 8.62 -17.93 16.74
CA HIS B 484 9.04 -16.85 17.63
C HIS B 484 10.17 -16.06 17.03
N ARG B 485 11.15 -16.74 16.42
CA ARG B 485 12.27 -16.09 15.76
C ARG B 485 11.79 -15.26 14.58
N LEU B 486 10.86 -15.81 13.80
CA LEU B 486 10.27 -15.12 12.68
C LEU B 486 9.54 -13.86 13.15
N LEU B 487 8.68 -13.94 14.17
CA LEU B 487 7.93 -12.77 14.63
C LEU B 487 8.86 -11.72 15.25
N PHE B 488 9.93 -12.18 15.94
CA PHE B 488 10.99 -11.31 16.43
C PHE B 488 11.59 -10.49 15.30
N PHE B 489 11.94 -11.18 14.21
CA PHE B 489 12.62 -10.55 13.09
C PHE B 489 11.65 -9.67 12.28
N LYS B 490 10.55 -10.28 11.83
CA LYS B 490 9.68 -9.71 10.82
C LYS B 490 9.06 -8.41 11.31
N HIS B 491 8.66 -8.36 12.58
CA HIS B 491 7.87 -7.26 13.14
C HIS B 491 8.65 -6.47 14.19
N ARG B 492 9.94 -6.78 14.36
CA ARG B 492 10.84 -6.08 15.26
C ARG B 492 10.26 -6.10 16.67
N LEU B 493 9.86 -7.29 17.13
CA LEU B 493 9.35 -7.44 18.50
C LEU B 493 10.43 -8.07 19.37
N GLN B 494 10.42 -7.75 20.67
CA GLN B 494 11.24 -8.43 21.66
C GLN B 494 10.42 -9.44 22.44
N CYS B 495 9.14 -9.12 22.63
CA CYS B 495 8.27 -9.84 23.55
C CYS B 495 6.81 -9.59 23.18
N MET B 496 5.92 -10.42 23.73
CA MET B 496 4.49 -10.26 23.54
C MET B 496 3.77 -10.69 24.80
N THR B 497 2.59 -10.10 25.04
CA THR B 497 1.69 -10.58 26.08
C THR B 497 0.39 -11.06 25.43
N SER B 498 -0.05 -12.25 25.87
CA SER B 498 -1.32 -12.85 25.51
C SER B 498 -2.26 -12.79 26.72
N GLN B 499 -3.52 -12.41 26.48
CA GLN B 499 -4.54 -12.17 27.51
C GLN B 499 -5.90 -12.69 27.00
C1 NAG C . 21.97 -20.12 2.91
C2 NAG C . 21.04 -21.15 2.28
C3 NAG C . 21.76 -22.49 2.05
C4 NAG C . 22.35 -23.07 3.34
C5 NAG C . 23.08 -22.01 4.18
C6 NAG C . 24.57 -21.96 3.95
C7 NAG C . 18.57 -21.45 2.70
C8 NAG C . 17.56 -20.79 3.60
N2 NAG C . 19.85 -21.35 3.10
O3 NAG C . 22.77 -22.36 1.06
O4 NAG C . 21.36 -23.79 4.08
O5 NAG C . 22.58 -20.65 4.11
O6 NAG C . 24.88 -21.23 2.76
O7 NAG C . 18.25 -22.07 1.69
C1 NAG C . 21.59 -25.14 4.40
C2 NAG C . 20.27 -25.81 4.77
C3 NAG C . 20.54 -27.25 5.20
C4 NAG C . 21.20 -27.98 4.04
C5 NAG C . 22.49 -27.26 3.68
C6 NAG C . 23.27 -27.85 2.53
C7 NAG C . 18.42 -24.37 5.38
C8 NAG C . 17.55 -24.92 4.29
N2 NAG C . 19.46 -25.11 5.75
O3 NAG C . 19.36 -27.90 5.65
O4 NAG C . 21.47 -29.33 4.43
O5 NAG C . 22.20 -25.88 3.34
O6 NAG C . 22.49 -28.73 1.70
O7 NAG C . 18.19 -23.29 5.90
C1 NAG D . -24.14 -14.43 -11.09
C2 NAG D . -25.01 -14.45 -12.34
C3 NAG D . -24.58 -15.57 -13.28
C4 NAG D . -23.08 -15.57 -13.50
C5 NAG D . -22.37 -15.65 -12.15
C6 NAG D . -20.87 -15.69 -12.25
C7 NAG D . -27.27 -13.53 -12.12
C8 NAG D . -28.67 -13.78 -11.63
N2 NAG D . -26.41 -14.57 -12.01
O3 NAG D . -25.24 -15.37 -14.52
O4 NAG D . -22.72 -16.68 -14.32
O5 NAG D . -22.74 -14.48 -11.38
O6 NAG D . -20.37 -14.52 -12.88
O7 NAG D . -26.95 -12.45 -12.59
C1 NAG D . -22.15 -16.32 -15.55
C2 NAG D . -21.97 -17.62 -16.31
C3 NAG D . -21.63 -17.37 -17.78
C4 NAG D . -22.51 -16.29 -18.41
C5 NAG D . -22.54 -15.04 -17.53
C6 NAG D . -23.48 -13.97 -18.01
C7 NAG D . -21.00 -19.50 -15.03
C8 NAG D . -19.84 -20.45 -15.10
N2 NAG D . -20.88 -18.36 -15.72
O3 NAG D . -21.72 -18.60 -18.47
O4 NAG D . -21.93 -15.99 -19.69
O5 NAG D . -23.00 -15.40 -16.22
O6 NAG D . -24.81 -14.48 -18.10
O7 NAG D . -22.01 -19.76 -14.40
C1 NAG E . -12.50 29.90 20.98
C2 NAG E . -13.23 30.64 19.87
C3 NAG E . -14.53 31.29 20.36
C4 NAG E . -15.33 30.48 21.38
C5 NAG E . -14.45 29.68 22.35
C6 NAG E . -15.20 28.56 23.03
C7 NAG E . -12.09 32.02 18.16
C8 NAG E . -11.79 33.47 17.91
N2 NAG E . -12.32 31.67 19.43
O3 NAG E . -15.37 31.54 19.24
O4 NAG E . -16.16 31.39 22.11
O5 NAG E . -13.37 29.01 21.66
O6 NAG E . -16.30 29.05 23.77
O7 NAG E . -12.21 31.20 17.25
C1 NAG F . -8.00 20.06 -24.69
C2 NAG F . -7.76 20.06 -26.20
C3 NAG F . -6.87 21.25 -26.59
C4 NAG F . -7.41 22.56 -26.03
C5 NAG F . -7.48 22.42 -24.50
C6 NAG F . -7.88 23.67 -23.73
C7 NAG F . -8.04 17.75 -27.12
C8 NAG F . -7.34 16.52 -27.61
N2 NAG F . -7.28 18.80 -26.76
O3 NAG F . -6.72 21.23 -28.00
O4 NAG F . -6.66 23.71 -26.42
O5 NAG F . -8.41 21.35 -24.21
O6 NAG F . -9.28 23.78 -23.48
O7 NAG F . -9.27 17.80 -27.05
MN MN G . 8.22 -17.91 -24.87
C1' UD2 H . 5.63 -13.38 -23.96
C2' UD2 H . 6.24 -13.02 -22.60
C3' UD2 H . 5.52 -13.84 -21.54
C4' UD2 H . 4.02 -13.53 -21.58
C5' UD2 H . 3.55 -14.01 -22.97
C6' UD2 H . 2.06 -14.11 -23.29
C7' UD2 H . 8.60 -12.56 -22.13
C8' UD2 H . 9.96 -13.15 -21.99
N2' UD2 H . 7.64 -13.38 -22.54
O1' UD2 H . 6.03 -14.71 -24.22
O3' UD2 H . 6.10 -13.70 -20.27
O4' UD2 H . 3.79 -12.13 -21.42
O5' UD2 H . 4.21 -13.21 -23.97
O6' UD2 H . 1.15 -13.28 -22.61
O7' UD2 H . 8.37 -11.37 -21.90
N1 UD2 H . 0.70 -19.74 -20.82
C2 UD2 H . -0.19 -20.13 -19.83
N3 UD2 H . -1.46 -20.38 -20.27
C4 UD2 H . -1.94 -20.28 -21.56
C5 UD2 H . -0.97 -19.85 -22.53
C6 UD2 H . 0.29 -19.59 -22.14
O2 UD2 H . 0.14 -20.23 -18.68
O4 UD2 H . -3.11 -20.57 -21.79
C1B UD2 H . 2.10 -19.39 -20.38
C2B UD2 H . 3.17 -20.48 -20.50
O2' UD2 H . 3.13 -21.37 -19.41
C3B UD2 H . 4.47 -19.65 -20.61
C4B UD2 H . 4.00 -18.20 -20.84
O4B UD2 H . 2.59 -18.30 -21.12
O3B UD2 H . 5.38 -19.63 -19.51
C5B UD2 H . 4.66 -17.42 -21.97
O5B UD2 H . 4.01 -17.72 -23.23
PA UD2 H . 4.96 -18.13 -24.49
O1A UD2 H . 6.33 -18.50 -24.02
O2A UD2 H . 4.27 -19.13 -25.35
O3A UD2 H . 5.00 -16.72 -25.26
PB UD2 H . 6.05 -15.55 -25.58
O1B UD2 H . 7.43 -16.12 -25.70
O2B UD2 H . 5.51 -14.62 -26.63
C ACY I . 2.08 -9.76 0.46
O ACY I . 1.91 -8.49 0.39
OXT ACY I . 1.27 -10.65 0.04
CH3 ACY I . 3.36 -10.25 1.06
C1 NAG J . 16.36 35.56 -4.26
C2 NAG J . 17.29 35.83 -3.07
C3 NAG J . 18.43 36.80 -3.41
C4 NAG J . 19.10 36.52 -4.75
C5 NAG J . 17.99 36.44 -5.79
C6 NAG J . 18.50 36.20 -7.18
C7 NAG J . 15.24 36.43 -1.72
C8 NAG J . 14.52 37.71 -2.03
N2 NAG J . 16.57 36.42 -1.95
O3 NAG J . 19.39 36.78 -2.36
O4 NAG J . 20.08 37.50 -5.13
O5 NAG J . 17.12 35.34 -5.44
O6 NAG J . 19.48 35.18 -7.13
O7 NAG J . 14.67 35.45 -1.27
C1 NAG K . 10.06 4.65 30.98
C2 NAG K . 9.23 4.48 32.25
C3 NAG K . 8.89 5.88 32.77
C4 NAG K . 10.18 6.64 33.06
C5 NAG K . 11.03 6.74 31.78
C6 NAG K . 12.40 7.38 31.97
C7 NAG K . 8.21 2.20 32.40
C8 NAG K . 7.13 1.32 31.82
N2 NAG K . 8.14 3.52 32.12
O3 NAG K . 8.02 5.81 33.91
O4 NAG K . 9.91 7.95 33.56
O5 NAG K . 11.25 5.42 31.23
O6 NAG K . 12.60 8.03 33.24
O7 NAG K . 9.09 1.73 33.12
MN MN L . -11.09 -26.94 13.42
C1' UD2 M . -7.91 -22.67 14.51
C2' UD2 M . -8.44 -21.65 13.49
C3' UD2 M . -7.74 -21.94 12.17
C4' UD2 M . -6.22 -21.91 12.31
C5' UD2 M . -5.77 -22.96 13.32
C6' UD2 M . -4.28 -22.95 13.59
C7' UD2 M . -10.84 -20.80 13.34
C8' UD2 M . -12.24 -21.27 13.03
N2' UD2 M . -9.88 -21.75 13.31
O1' UD2 M . -8.53 -23.92 14.23
O3' UD2 M . -8.21 -21.10 11.13
O4' UD2 M . -5.75 -20.60 12.66
O5' UD2 M . -6.47 -22.73 14.55
O6' UD2 M . -3.54 -23.80 12.69
O7' UD2 M . -10.61 -19.63 13.62
N1 UD2 M . -3.85 -27.37 8.58
C2 UD2 M . -3.00 -27.32 7.48
N3 UD2 M . -1.77 -27.94 7.65
C4 UD2 M . -1.32 -28.61 8.76
C5 UD2 M . -2.24 -28.60 9.87
C6 UD2 M . -3.44 -28.00 9.74
O2 UD2 M . -3.31 -26.80 6.42
O4 UD2 M . -0.20 -29.15 8.75
C1B UD2 M . -5.18 -26.68 8.44
C2B UD2 M . -6.42 -27.56 8.22
O2' UD2 M . -6.50 -28.26 6.98
C3B UD2 M . -7.57 -26.58 8.57
C4B UD2 M . -6.90 -25.55 9.52
O4B UD2 M . -5.50 -25.95 9.61
O3B UD2 M . -8.34 -25.88 7.58
C5B UD2 M . -7.52 -25.39 10.88
O5B UD2 M . -7.15 -26.53 11.72
PA UD2 M . -8.15 -27.14 12.82
O1A UD2 M . -9.60 -26.84 12.48
O2A UD2 M . -7.76 -28.55 13.07
O3A UD2 M . -7.75 -26.27 14.13
PB UD2 M . -8.54 -25.26 15.12
O1B UD2 M . -9.95 -25.76 15.31
O2B UD2 M . -7.71 -25.02 16.34
C ACY N . -3.34 -7.88 -5.12
O ACY N . -2.59 -8.91 -5.05
OXT ACY N . -2.98 -6.72 -4.85
CH3 ACY N . -4.77 -8.09 -5.50
#